data_6LPX
#
_entry.id   6LPX
#
_cell.length_a   72.169
_cell.length_b   94.940
_cell.length_c   73.219
_cell.angle_alpha   90.000
_cell.angle_beta   112.300
_cell.angle_gamma   90.000
#
_symmetry.space_group_name_H-M   'P 1 21 1'
#
loop_
_entity.id
_entity.type
_entity.pdbx_description
1 polymer 'D-2-hydroxyglutarate dehydrogenase, mitochondrial'
2 non-polymer 'FLAVIN-ADENINE DINUCLEOTIDE'
3 non-polymer 'ZINC ION'
4 non-polymer '2-OXOGLUTARIC ACID'
5 water water
#
_entity_poly.entity_id   1
_entity_poly.type   'polypeptide(L)'
_entity_poly.pdbx_seq_one_letter_code
;GPGSRYPVRRLPFSTVSKQDLAAFERIVPGGVVTDPEALQAPNVDWLRTLRGCSKVLLRPRTSEEVSHILRHCHERNLAV
NPQGGNTGMVGGSVPVFDEIILSTARMNRVLSFHSVSGILVCQAGCVLEELSRYVEERDFIMPLDLGAKGSCHIGGNVAT
NAGGLRFLRYGSLHGTVLGLEVVLADGTVLDCLTSLRKDNTGYDLKQLFIGSEGTLGIITTVSILCPPKPRAVNVAFLGC
PGFAEVLQTFSTCKGMLGEILSAFEFMDAVCMQLVGRHLHLASPVQESPFYVLIETSGSNAGHDAEKLGHFLEHALGSGL
VTDGTMATDQRKVKMLWALRERITEALSRDGYVYKYDLSLPVERLYDIVTDLRARLGPHAKHVVGYGHLGDGNLHLNVTA
EAFSPSLLAALEPHVYEWTAGQQGSVSAEHGVGFRKRDVLGYSKPPGALQLMQQLKALLDPKGILNPYKTLPSQAHHHHH
H
;
_entity_poly.pdbx_strand_id   A,B
#
loop_
_chem_comp.id
_chem_comp.type
_chem_comp.name
_chem_comp.formula
AKG non-polymer '2-OXOGLUTARIC ACID' 'C5 H6 O5'
FAD non-polymer 'FLAVIN-ADENINE DINUCLEOTIDE' 'C27 H33 N9 O15 P2'
ZN non-polymer 'ZINC ION' 'Zn 2'
#
# COMPACT_ATOMS: atom_id res chain seq x y z
N VAL A 8 -18.27 -24.47 13.84
CA VAL A 8 -18.94 -25.26 14.87
C VAL A 8 -19.44 -26.59 14.28
N ARG A 9 -20.13 -26.54 13.14
CA ARG A 9 -20.61 -27.76 12.49
C ARG A 9 -19.93 -27.91 11.14
N ARG A 10 -19.57 -29.16 10.83
CA ARG A 10 -18.84 -29.49 9.61
C ARG A 10 -19.69 -29.32 8.35
N LEU A 11 -19.16 -28.58 7.39
CA LEU A 11 -19.86 -28.35 6.13
C LEU A 11 -19.80 -29.62 5.27
N PRO A 12 -20.69 -29.74 4.22
CA PRO A 12 -20.86 -31.01 3.51
C PRO A 12 -19.80 -31.31 2.46
N PHE A 13 -18.53 -31.27 2.86
CA PHE A 13 -17.42 -31.62 1.98
C PHE A 13 -17.29 -33.13 1.85
N SER A 14 -16.70 -33.55 0.73
CA SER A 14 -16.35 -34.96 0.55
C SER A 14 -15.32 -35.41 1.58
N THR A 15 -15.08 -36.71 1.62
CA THR A 15 -14.09 -37.31 2.48
C THR A 15 -12.98 -37.90 1.62
N VAL A 16 -11.75 -37.85 2.14
CA VAL A 16 -10.59 -38.32 1.39
C VAL A 16 -10.65 -39.83 1.25
N SER A 17 -10.63 -40.31 0.00
CA SER A 17 -10.62 -41.74 -0.27
C SER A 17 -9.21 -42.22 -0.53
N LYS A 18 -9.09 -43.55 -0.72
CA LYS A 18 -7.82 -44.14 -1.15
C LYS A 18 -7.47 -43.68 -2.57
N GLN A 19 -8.49 -43.42 -3.40
CA GLN A 19 -8.23 -42.98 -4.77
C GLN A 19 -7.74 -41.55 -4.78
N ASP A 20 -8.23 -40.73 -3.85
CA ASP A 20 -7.72 -39.37 -3.71
C ASP A 20 -6.26 -39.39 -3.31
N LEU A 21 -5.90 -40.23 -2.34
CA LEU A 21 -4.49 -40.39 -1.96
C LEU A 21 -3.62 -40.80 -3.15
N ALA A 22 -4.09 -41.74 -3.97
CA ALA A 22 -3.28 -42.14 -5.13
C ALA A 22 -3.15 -41.01 -6.15
N ALA A 23 -4.21 -40.21 -6.31
CA ALA A 23 -4.14 -39.04 -7.17
C ALA A 23 -3.13 -38.03 -6.65
N PHE A 24 -3.17 -37.76 -5.35
CA PHE A 24 -2.22 -36.81 -4.77
C PHE A 24 -0.80 -37.32 -4.88
N GLU A 25 -0.60 -38.63 -4.73
CA GLU A 25 0.74 -39.21 -4.92
C GLU A 25 1.22 -39.01 -6.36
N ARG A 26 0.31 -39.11 -7.32
CA ARG A 26 0.68 -38.78 -8.70
C ARG A 26 1.06 -37.30 -8.84
N ILE A 27 0.31 -36.40 -8.20
CA ILE A 27 0.56 -34.97 -8.37
C ILE A 27 1.83 -34.54 -7.65
N VAL A 28 1.99 -34.93 -6.38
CA VAL A 28 3.16 -34.56 -5.58
C VAL A 28 3.85 -35.82 -5.07
N PRO A 29 4.61 -36.53 -5.91
CA PRO A 29 5.28 -37.74 -5.43
C PRO A 29 6.27 -37.40 -4.33
N GLY A 30 6.21 -38.16 -3.24
CA GLY A 30 7.00 -37.86 -2.07
C GLY A 30 6.40 -36.84 -1.12
N GLY A 31 5.31 -36.19 -1.50
CA GLY A 31 4.81 -35.11 -0.68
C GLY A 31 3.44 -35.35 -0.06
N VAL A 32 3.09 -36.61 0.18
CA VAL A 32 1.80 -36.98 0.76
C VAL A 32 2.12 -37.61 2.11
N VAL A 33 1.88 -36.87 3.18
CA VAL A 33 2.14 -37.34 4.54
C VAL A 33 0.83 -37.79 5.15
N THR A 34 0.77 -39.07 5.55
CA THR A 34 -0.42 -39.59 6.21
C THR A 34 -0.15 -40.23 7.55
N ASP A 35 1.06 -40.18 8.07
CA ASP A 35 1.36 -40.79 9.35
C ASP A 35 0.64 -40.05 10.46
N PRO A 36 -0.23 -40.70 11.22
CA PRO A 36 -0.98 -39.96 12.26
C PRO A 36 -0.09 -39.24 13.26
N GLU A 37 1.02 -39.83 13.67
CA GLU A 37 1.89 -39.12 14.59
C GLU A 37 2.58 -37.93 13.92
N ALA A 38 2.90 -38.05 12.63
CA ALA A 38 3.46 -36.91 11.91
C ALA A 38 2.45 -35.80 11.70
N LEU A 39 1.16 -36.13 11.64
CA LEU A 39 0.12 -35.13 11.42
C LEU A 39 -0.28 -34.41 12.70
N GLN A 40 0.24 -34.81 13.85
CA GLN A 40 -0.18 -34.20 15.09
C GLN A 40 0.23 -32.73 15.17
N ALA A 41 1.52 -32.44 14.98
CA ALA A 41 2.00 -31.05 15.03
C ALA A 41 1.29 -30.12 14.05
N PRO A 42 1.15 -30.44 12.76
CA PRO A 42 0.45 -29.51 11.87
C PRO A 42 -1.04 -29.35 12.18
N ASN A 43 -1.64 -30.23 12.96
CA ASN A 43 -3.03 -30.04 13.37
C ASN A 43 -3.21 -29.12 14.57
N VAL A 44 -2.14 -28.74 15.27
CA VAL A 44 -2.25 -27.89 16.45
C VAL A 44 -1.72 -26.50 16.13
N ASP A 45 -2.50 -25.47 16.46
CA ASP A 45 -2.09 -24.09 16.18
C ASP A 45 -1.01 -23.66 17.17
N TRP A 46 -0.41 -22.49 16.91
CA TRP A 46 0.72 -22.03 17.73
C TRP A 46 0.33 -21.93 19.21
N LEU A 47 -0.86 -21.42 19.50
CA LEU A 47 -1.28 -21.29 20.88
C LEU A 47 -1.67 -22.61 21.54
N ARG A 48 -1.85 -23.68 20.77
CA ARG A 48 -2.18 -25.01 21.33
C ARG A 48 -3.59 -24.99 21.91
N THR A 49 -4.44 -24.12 21.38
CA THR A 49 -5.83 -24.05 21.80
C THR A 49 -6.79 -24.51 20.73
N LEU A 50 -6.30 -24.85 19.55
CA LEU A 50 -7.10 -25.44 18.49
C LEU A 50 -6.39 -26.69 17.98
N ARG A 51 -7.14 -27.73 17.66
CA ARG A 51 -6.54 -28.99 17.25
C ARG A 51 -7.48 -29.61 16.23
N GLY A 52 -6.98 -29.77 15.00
CA GLY A 52 -7.75 -30.38 13.95
C GLY A 52 -7.60 -31.88 13.94
N CYS A 53 -8.30 -32.50 13.00
CA CYS A 53 -8.29 -33.94 12.87
C CYS A 53 -8.01 -34.30 11.43
N SER A 54 -7.18 -33.49 10.77
CA SER A 54 -6.77 -33.79 9.40
C SER A 54 -5.89 -35.02 9.35
N LYS A 55 -6.13 -35.86 8.36
CA LYS A 55 -5.38 -37.09 8.14
C LYS A 55 -4.50 -37.04 6.89
N VAL A 56 -4.45 -35.90 6.19
CA VAL A 56 -3.63 -35.75 4.99
C VAL A 56 -2.94 -34.39 5.01
N LEU A 57 -1.62 -34.40 4.92
CA LEU A 57 -0.77 -33.24 4.71
C LEU A 57 -0.10 -33.37 3.35
N LEU A 58 -0.22 -32.35 2.51
CA LEU A 58 0.45 -32.33 1.21
C LEU A 58 1.52 -31.25 1.23
N ARG A 59 2.70 -31.56 0.67
CA ARG A 59 3.87 -30.68 0.73
C ARG A 59 4.36 -30.47 -0.69
N PRO A 60 3.67 -29.65 -1.47
CA PRO A 60 4.09 -29.41 -2.86
C PRO A 60 5.40 -28.65 -2.93
N ARG A 61 6.07 -28.83 -4.07
CA ARG A 61 7.32 -28.13 -4.33
C ARG A 61 7.13 -26.97 -5.31
N THR A 62 6.20 -27.06 -6.26
CA THR A 62 6.08 -26.06 -7.31
C THR A 62 4.65 -25.54 -7.40
N SER A 63 4.52 -24.42 -8.13
CA SER A 63 3.21 -23.83 -8.38
C SER A 63 2.33 -24.76 -9.19
N GLU A 64 2.91 -25.46 -10.16
CA GLU A 64 2.12 -26.39 -10.96
C GLU A 64 1.53 -27.50 -10.09
N GLU A 65 2.32 -28.03 -9.15
CA GLU A 65 1.81 -29.02 -8.20
C GLU A 65 0.63 -28.49 -7.39
N VAL A 66 0.71 -27.22 -6.94
CA VAL A 66 -0.40 -26.60 -6.24
C VAL A 66 -1.63 -26.50 -7.13
N SER A 67 -1.41 -26.04 -8.36
CA SER A 67 -2.51 -25.93 -9.31
C SER A 67 -3.22 -27.26 -9.53
N HIS A 68 -2.44 -28.34 -9.68
CA HIS A 68 -3.08 -29.64 -9.94
C HIS A 68 -3.80 -30.17 -8.69
N ILE A 69 -3.23 -29.92 -7.50
CA ILE A 69 -3.90 -30.31 -6.26
C ILE A 69 -5.24 -29.60 -6.14
N LEU A 70 -5.26 -28.27 -6.31
CA LEU A 70 -6.53 -27.57 -6.17
C LEU A 70 -7.52 -27.94 -7.26
N ARG A 71 -7.05 -28.18 -8.49
CA ARG A 71 -7.96 -28.71 -9.51
C ARG A 71 -8.67 -29.98 -9.04
N HIS A 72 -7.89 -30.90 -8.48
CA HIS A 72 -8.49 -32.15 -7.98
C HIS A 72 -9.44 -31.89 -6.82
N CYS A 73 -9.04 -31.04 -5.87
CA CYS A 73 -9.92 -30.76 -4.73
C CYS A 73 -11.20 -30.06 -5.17
N HIS A 74 -11.13 -29.20 -6.19
CA HIS A 74 -12.34 -28.55 -6.70
C HIS A 74 -13.28 -29.56 -7.32
N GLU A 75 -12.77 -30.40 -8.21
CA GLU A 75 -13.65 -31.41 -8.79
C GLU A 75 -14.22 -32.35 -7.73
N ARG A 76 -13.45 -32.67 -6.68
CA ARG A 76 -13.88 -33.62 -5.66
C ARG A 76 -14.59 -32.98 -4.46
N ASN A 77 -14.67 -31.66 -4.39
CA ASN A 77 -15.25 -30.94 -3.25
C ASN A 77 -14.59 -31.37 -1.94
N LEU A 78 -13.27 -31.26 -1.89
CA LEU A 78 -12.51 -31.49 -0.66
C LEU A 78 -12.03 -30.15 -0.14
N ALA A 79 -12.23 -29.91 1.15
CA ALA A 79 -11.76 -28.67 1.77
C ALA A 79 -10.25 -28.67 1.93
N VAL A 80 -9.63 -27.51 1.73
CA VAL A 80 -8.17 -27.36 1.79
C VAL A 80 -7.83 -26.25 2.78
N ASN A 81 -6.88 -26.53 3.65
CA ASN A 81 -6.34 -25.62 4.66
C ASN A 81 -4.91 -25.25 4.31
N PRO A 82 -4.68 -24.09 3.72
CA PRO A 82 -3.30 -23.67 3.43
C PRO A 82 -2.58 -23.39 4.74
N GLN A 83 -1.31 -23.78 4.80
CA GLN A 83 -0.51 -23.58 5.99
C GLN A 83 0.91 -23.14 5.62
N GLY A 84 1.38 -22.12 6.34
CA GLY A 84 2.74 -21.61 6.21
C GLY A 84 3.62 -22.11 7.35
N GLY A 85 4.18 -21.18 8.12
CA GLY A 85 4.95 -21.45 9.34
C GLY A 85 4.14 -21.88 10.54
N ASN A 86 2.81 -21.80 10.46
CA ASN A 86 1.92 -22.20 11.55
C ASN A 86 2.22 -21.41 12.83
N THR A 87 2.52 -20.11 12.65
CA THR A 87 2.68 -19.17 13.76
C THR A 87 1.48 -18.23 13.91
N GLY A 88 0.47 -18.36 13.05
CA GLY A 88 -0.70 -17.52 13.16
C GLY A 88 -1.40 -17.68 14.50
N MET A 89 -2.10 -16.62 14.90
CA MET A 89 -2.60 -16.50 16.27
C MET A 89 -4.12 -16.62 16.39
N VAL A 90 -4.84 -16.80 15.30
CA VAL A 90 -6.29 -16.67 15.29
C VAL A 90 -6.94 -17.96 14.78
N GLY A 91 -6.21 -19.07 14.84
CA GLY A 91 -6.74 -20.36 14.46
C GLY A 91 -7.04 -20.48 12.98
N GLY A 92 -6.43 -19.64 12.14
CA GLY A 92 -6.64 -19.70 10.71
C GLY A 92 -5.83 -20.77 10.02
N SER A 93 -4.73 -21.19 10.63
CA SER A 93 -3.69 -21.96 9.97
C SER A 93 -3.80 -23.47 10.19
N VAL A 94 -4.74 -23.92 11.00
CA VAL A 94 -4.92 -25.35 11.25
C VAL A 94 -6.35 -25.75 10.93
N PRO A 95 -6.61 -26.98 10.50
CA PRO A 95 -7.99 -27.40 10.23
C PRO A 95 -8.86 -27.38 11.47
N VAL A 96 -10.17 -27.22 11.25
CA VAL A 96 -11.16 -27.41 12.30
C VAL A 96 -11.63 -28.87 12.34
N PHE A 97 -11.83 -29.47 11.16
CA PHE A 97 -12.28 -30.85 10.97
C PHE A 97 -11.30 -31.65 10.11
N ASP A 98 -11.71 -32.01 8.87
CA ASP A 98 -10.89 -32.85 8.01
C ASP A 98 -10.42 -32.14 6.74
N GLU A 99 -10.22 -30.82 6.77
CA GLU A 99 -9.57 -30.19 5.62
C GLU A 99 -8.18 -30.76 5.39
N ILE A 100 -7.82 -30.93 4.12
CA ILE A 100 -6.47 -31.32 3.73
C ILE A 100 -5.51 -30.16 4.03
N ILE A 101 -4.43 -30.44 4.74
CA ILE A 101 -3.44 -29.40 5.01
C ILE A 101 -2.45 -29.32 3.84
N LEU A 102 -2.45 -28.18 3.14
CA LEU A 102 -1.49 -27.89 2.09
C LEU A 102 -0.40 -26.96 2.61
N SER A 103 0.80 -27.50 2.80
CA SER A 103 1.95 -26.81 3.35
C SER A 103 2.86 -26.25 2.26
N THR A 104 3.36 -25.04 2.48
CA THR A 104 4.35 -24.42 1.60
C THR A 104 5.77 -24.73 2.03
N ALA A 105 5.96 -25.68 2.95
CA ALA A 105 7.26 -25.95 3.55
C ALA A 105 8.35 -26.20 2.51
N ARG A 106 8.03 -26.90 1.41
CA ARG A 106 9.03 -27.23 0.38
C ARG A 106 9.10 -26.19 -0.73
N MET A 107 8.24 -25.18 -0.71
CA MET A 107 8.28 -24.10 -1.71
C MET A 107 9.13 -22.95 -1.18
N ASN A 108 10.43 -23.23 -1.07
CA ASN A 108 11.35 -22.40 -0.29
C ASN A 108 12.54 -21.89 -1.10
N ARG A 109 12.41 -21.79 -2.43
CA ARG A 109 13.50 -21.31 -3.27
C ARG A 109 13.35 -19.83 -3.55
N VAL A 110 14.47 -19.10 -3.54
CA VAL A 110 14.54 -17.77 -4.13
C VAL A 110 14.68 -17.91 -5.63
N LEU A 111 13.88 -17.16 -6.38
CA LEU A 111 13.89 -17.20 -7.83
C LEU A 111 14.77 -16.13 -8.45
N SER A 112 14.73 -14.90 -7.92
CA SER A 112 15.64 -13.86 -8.40
C SER A 112 15.80 -12.77 -7.35
N PHE A 113 16.90 -12.03 -7.47
CA PHE A 113 17.09 -10.82 -6.66
C PHE A 113 17.92 -9.82 -7.44
N HIS A 114 17.35 -8.65 -7.73
CA HIS A 114 18.05 -7.60 -8.46
C HIS A 114 18.83 -6.74 -7.47
N SER A 115 20.16 -6.82 -7.55
CA SER A 115 21.06 -6.20 -6.56
C SER A 115 21.03 -4.68 -6.55
N VAL A 116 20.41 -4.04 -7.54
CA VAL A 116 20.31 -2.58 -7.56
C VAL A 116 18.92 -2.09 -7.15
N SER A 117 17.87 -2.64 -7.76
CA SER A 117 16.52 -2.20 -7.41
C SER A 117 16.06 -2.74 -6.06
N GLY A 118 16.67 -3.82 -5.56
CA GLY A 118 16.23 -4.45 -4.33
C GLY A 118 15.01 -5.32 -4.43
N ILE A 119 14.61 -5.70 -5.63
CA ILE A 119 13.41 -6.48 -5.84
C ILE A 119 13.70 -7.96 -5.64
N LEU A 120 12.96 -8.61 -4.74
CA LEU A 120 13.12 -10.03 -4.43
C LEU A 120 11.92 -10.82 -4.97
N VAL A 121 12.18 -11.89 -5.72
CA VAL A 121 11.15 -12.84 -6.12
C VAL A 121 11.47 -14.19 -5.49
N CYS A 122 10.54 -14.71 -4.72
CA CYS A 122 10.76 -15.94 -3.98
C CYS A 122 9.46 -16.71 -3.83
N GLN A 123 9.60 -18.00 -3.55
CA GLN A 123 8.43 -18.83 -3.32
C GLN A 123 7.80 -18.51 -1.95
N ALA A 124 6.50 -18.80 -1.85
CA ALA A 124 5.74 -18.40 -0.67
C ALA A 124 6.23 -19.04 0.63
N GLY A 125 6.82 -20.23 0.56
CA GLY A 125 7.27 -20.90 1.76
C GLY A 125 8.66 -20.56 2.26
N CYS A 126 9.32 -19.56 1.70
CA CYS A 126 10.58 -19.10 2.27
C CYS A 126 10.36 -18.52 3.66
N VAL A 127 11.17 -18.99 4.62
CA VAL A 127 11.09 -18.50 6.00
C VAL A 127 11.67 -17.09 6.07
N LEU A 128 11.02 -16.23 6.87
CA LEU A 128 11.37 -14.81 6.89
C LEU A 128 12.83 -14.58 7.30
N GLU A 129 13.25 -15.20 8.41
CA GLU A 129 14.65 -15.11 8.84
C GLU A 129 15.63 -15.48 7.73
N GLU A 130 15.34 -16.57 7.00
CA GLU A 130 16.26 -17.01 5.95
C GLU A 130 16.33 -15.99 4.83
N LEU A 131 15.20 -15.35 4.50
CA LEU A 131 15.23 -14.32 3.47
C LEU A 131 15.99 -13.09 3.97
N SER A 132 15.83 -12.74 5.24
CA SER A 132 16.61 -11.64 5.80
C SER A 132 18.10 -11.91 5.67
N ARG A 133 18.53 -13.11 6.04
CA ARG A 133 19.92 -13.49 5.85
C ARG A 133 20.34 -13.30 4.39
N TYR A 134 19.54 -13.84 3.47
CA TYR A 134 19.86 -13.78 2.05
C TYR A 134 20.02 -12.35 1.53
N VAL A 135 19.02 -11.49 1.77
CA VAL A 135 19.11 -10.12 1.25
C VAL A 135 20.10 -9.25 2.04
N GLU A 136 20.30 -9.53 3.33
CA GLU A 136 21.31 -8.78 4.07
C GLU A 136 22.72 -9.10 3.62
N GLU A 137 22.99 -10.36 3.25
CA GLU A 137 24.26 -10.66 2.60
C GLU A 137 24.49 -9.82 1.36
N ARG A 138 23.42 -9.32 0.75
CA ARG A 138 23.51 -8.47 -0.42
C ARG A 138 23.19 -7.01 -0.09
N ASP A 139 23.30 -6.61 1.18
CA ASP A 139 23.07 -5.22 1.61
C ASP A 139 21.64 -4.72 1.38
N PHE A 140 20.67 -5.59 1.63
CA PHE A 140 19.26 -5.21 1.63
C PHE A 140 18.61 -5.85 2.84
N ILE A 141 17.41 -5.37 3.17
CA ILE A 141 16.64 -5.91 4.28
C ILE A 141 15.20 -6.17 3.81
N MET A 142 14.53 -7.06 4.54
CA MET A 142 13.11 -7.25 4.34
C MET A 142 12.35 -6.02 4.82
N PRO A 143 11.27 -5.62 4.15
CA PRO A 143 10.52 -4.46 4.60
C PRO A 143 9.70 -4.75 5.86
N LEU A 144 9.66 -5.98 6.35
CA LEU A 144 8.95 -6.29 7.58
C LEU A 144 9.81 -7.21 8.45
N ASP A 145 9.55 -7.15 9.76
CA ASP A 145 10.10 -8.13 10.67
C ASP A 145 9.16 -8.29 11.85
N LEU A 146 9.15 -9.50 12.41
CA LEU A 146 8.24 -9.90 13.48
C LEU A 146 9.01 -10.88 14.35
N GLY A 147 8.57 -11.00 15.59
CA GLY A 147 9.12 -12.04 16.48
C GLY A 147 9.07 -13.46 15.95
N ALA A 148 8.14 -13.77 15.05
CA ALA A 148 8.04 -15.12 14.49
C ALA A 148 8.97 -15.37 13.30
N LYS A 149 9.90 -14.44 13.03
CA LYS A 149 10.76 -14.49 11.84
C LYS A 149 11.38 -15.88 11.63
N GLY A 150 11.79 -16.54 12.71
CA GLY A 150 12.43 -17.84 12.62
C GLY A 150 11.58 -18.94 12.01
N SER A 151 10.26 -18.80 12.00
CA SER A 151 9.41 -19.88 11.51
C SER A 151 8.44 -19.48 10.39
N CYS A 152 7.97 -18.23 10.42
CA CYS A 152 6.94 -17.76 9.51
C CYS A 152 7.44 -17.71 8.06
N HIS A 153 6.53 -18.01 7.14
CA HIS A 153 6.77 -18.02 5.70
C HIS A 153 6.33 -16.69 5.09
N ILE A 154 7.04 -16.26 4.03
CA ILE A 154 6.67 -15.01 3.38
C ILE A 154 5.24 -15.09 2.84
N GLY A 155 4.82 -16.28 2.41
CA GLY A 155 3.44 -16.48 2.00
C GLY A 155 2.45 -16.23 3.13
N GLY A 156 2.78 -16.70 4.33
CA GLY A 156 1.90 -16.44 5.47
C GLY A 156 1.87 -14.97 5.85
N ASN A 157 3.02 -14.29 5.75
CA ASN A 157 3.05 -12.86 6.02
C ASN A 157 2.14 -12.09 5.06
N VAL A 158 2.19 -12.45 3.78
CA VAL A 158 1.35 -11.79 2.78
C VAL A 158 -0.12 -12.15 2.98
N ALA A 159 -0.41 -13.42 3.22
CA ALA A 159 -1.79 -13.85 3.44
C ALA A 159 -2.45 -13.19 4.64
N THR A 160 -1.70 -12.92 5.72
CA THR A 160 -2.28 -12.26 6.89
C THR A 160 -2.07 -10.75 6.90
N ASN A 161 -1.38 -10.20 5.92
CA ASN A 161 -0.98 -8.79 5.91
C ASN A 161 -0.28 -8.42 7.23
N ALA A 162 0.80 -9.14 7.52
CA ALA A 162 1.51 -8.97 8.78
C ALA A 162 2.07 -7.55 8.88
N GLY A 163 2.01 -6.99 10.07
CA GLY A 163 2.55 -5.67 10.35
C GLY A 163 3.96 -5.78 10.87
N GLY A 164 4.12 -5.72 12.17
CA GLY A 164 5.39 -6.01 12.80
C GLY A 164 6.18 -4.81 13.23
N LEU A 165 7.49 -5.05 13.40
CA LEU A 165 8.38 -4.20 14.19
C LEU A 165 9.06 -3.09 13.41
N ARG A 166 9.01 -3.11 12.07
CA ARG A 166 9.57 -2.04 11.27
C ARG A 166 8.50 -1.42 10.38
N PHE A 167 7.23 -1.66 10.72
CA PHE A 167 6.09 -1.10 10.02
C PHE A 167 6.09 0.42 10.09
N LEU A 168 6.52 0.95 11.22
CA LEU A 168 6.64 2.38 11.39
C LEU A 168 7.48 3.03 10.29
N ARG A 169 8.52 2.34 9.85
CA ARG A 169 9.44 2.89 8.84
C ARG A 169 9.05 2.53 7.40
N TYR A 170 8.78 1.26 7.11
CA TYR A 170 8.57 0.81 5.74
C TYR A 170 7.11 0.61 5.40
N GLY A 171 6.25 0.54 6.41
CA GLY A 171 4.83 0.49 6.14
C GLY A 171 4.36 -0.88 5.70
N SER A 172 3.18 -0.87 5.08
CA SER A 172 2.37 -2.06 4.87
C SER A 172 2.89 -2.91 3.70
N LEU A 173 2.61 -4.22 3.77
CA LEU A 173 2.80 -5.08 2.60
C LEU A 173 1.92 -4.63 1.44
N HIS A 174 0.79 -3.97 1.73
CA HIS A 174 0.01 -3.35 0.67
C HIS A 174 0.84 -2.36 -0.14
N GLY A 175 1.86 -1.76 0.46
CA GLY A 175 2.76 -0.92 -0.31
C GLY A 175 4.01 -1.59 -0.83
N THR A 176 4.59 -2.52 -0.06
CA THR A 176 5.88 -3.09 -0.40
C THR A 176 5.81 -4.34 -1.27
N VAL A 177 4.68 -5.03 -1.30
CA VAL A 177 4.56 -6.18 -2.20
C VAL A 177 4.33 -5.66 -3.60
N LEU A 178 5.20 -6.06 -4.54
CA LEU A 178 5.08 -5.64 -5.92
C LEU A 178 4.33 -6.64 -6.79
N GLY A 179 4.35 -7.93 -6.45
CA GLY A 179 3.66 -8.89 -7.30
C GLY A 179 3.38 -10.18 -6.58
N LEU A 180 2.34 -10.88 -7.04
CA LEU A 180 1.99 -12.17 -6.46
C LEU A 180 1.58 -13.15 -7.55
N GLU A 181 2.03 -14.38 -7.40
CA GLU A 181 1.43 -15.51 -8.08
C GLU A 181 0.54 -16.21 -7.08
N VAL A 182 -0.73 -16.40 -7.45
CA VAL A 182 -1.74 -17.00 -6.58
C VAL A 182 -2.42 -18.13 -7.35
N VAL A 183 -2.66 -19.25 -6.68
CA VAL A 183 -3.41 -20.37 -7.26
C VAL A 183 -4.81 -20.34 -6.68
N LEU A 184 -5.82 -20.22 -7.55
CA LEU A 184 -7.22 -20.11 -7.15
C LEU A 184 -7.82 -21.48 -6.85
N ALA A 185 -9.01 -21.45 -6.23
CA ALA A 185 -9.65 -22.67 -5.74
C ALA A 185 -9.84 -23.72 -6.82
N ASP A 186 -10.12 -23.32 -8.05
CA ASP A 186 -10.29 -24.32 -9.09
C ASP A 186 -8.98 -24.75 -9.73
N GLY A 187 -7.84 -24.26 -9.26
CA GLY A 187 -6.57 -24.55 -9.85
C GLY A 187 -6.03 -23.48 -10.78
N THR A 188 -6.86 -22.52 -11.17
CA THR A 188 -6.41 -21.46 -12.06
C THR A 188 -5.22 -20.71 -11.47
N VAL A 189 -4.17 -20.56 -12.26
CA VAL A 189 -3.00 -19.80 -11.84
C VAL A 189 -3.19 -18.35 -12.25
N LEU A 190 -3.25 -17.47 -11.27
CA LEU A 190 -3.35 -16.04 -11.47
C LEU A 190 -1.95 -15.45 -11.37
N ASP A 191 -1.48 -14.89 -12.46
CA ASP A 191 -0.16 -14.27 -12.56
C ASP A 191 -0.30 -12.76 -12.37
N CYS A 192 -0.01 -12.26 -11.18
CA CYS A 192 0.14 -10.84 -10.90
C CYS A 192 1.57 -10.58 -10.43
N LEU A 193 2.50 -11.37 -10.94
CA LEU A 193 3.88 -11.39 -10.44
C LEU A 193 4.75 -10.40 -11.21
N THR A 194 4.34 -9.15 -11.20
CA THR A 194 5.16 -8.11 -11.81
C THR A 194 6.29 -7.74 -10.87
N SER A 195 7.35 -7.19 -11.42
CA SER A 195 8.45 -6.74 -10.57
C SER A 195 8.76 -5.26 -10.76
N LEU A 196 7.75 -4.48 -11.11
CA LEU A 196 7.87 -3.05 -11.34
C LEU A 196 7.39 -2.26 -10.12
N ARG A 197 8.10 -1.18 -9.79
CA ARG A 197 7.63 -0.28 -8.75
C ARG A 197 6.29 0.38 -9.09
N LYS A 198 6.05 0.70 -10.37
CA LYS A 198 4.83 1.40 -10.73
C LYS A 198 4.20 0.76 -11.93
N ASP A 199 2.91 0.41 -11.80
CA ASP A 199 2.18 -0.28 -12.86
C ASP A 199 0.66 -0.07 -12.68
N ASN A 200 0.14 0.97 -13.34
CA ASN A 200 -1.30 1.26 -13.30
C ASN A 200 -2.01 0.76 -14.55
N THR A 201 -1.81 -0.52 -14.88
CA THR A 201 -2.47 -1.16 -16.01
C THR A 201 -3.62 -2.04 -15.53
N GLY A 202 -4.64 -1.40 -14.99
CA GLY A 202 -5.85 -2.07 -14.56
C GLY A 202 -5.94 -2.15 -13.05
N TYR A 203 -6.79 -3.05 -12.59
CA TYR A 203 -7.04 -3.16 -11.16
C TYR A 203 -5.85 -3.83 -10.49
N ASP A 204 -5.56 -3.39 -9.27
CA ASP A 204 -4.46 -3.94 -8.50
C ASP A 204 -4.93 -5.22 -7.80
N LEU A 205 -5.13 -6.25 -8.63
CA LEU A 205 -5.75 -7.50 -8.18
C LEU A 205 -4.99 -8.13 -7.01
N LYS A 206 -3.67 -8.02 -6.98
CA LYS A 206 -2.89 -8.67 -5.92
C LYS A 206 -3.36 -8.21 -4.55
N GLN A 207 -3.83 -6.97 -4.45
CA GLN A 207 -4.28 -6.41 -3.17
C GLN A 207 -5.38 -7.25 -2.53
N LEU A 208 -6.25 -7.87 -3.34
CA LEU A 208 -7.27 -8.74 -2.78
C LEU A 208 -6.68 -9.88 -1.96
N PHE A 209 -5.49 -10.33 -2.32
CA PHE A 209 -4.95 -11.50 -1.66
C PHE A 209 -4.05 -11.16 -0.47
N ILE A 210 -3.73 -9.88 -0.27
CA ILE A 210 -2.92 -9.49 0.88
C ILE A 210 -3.90 -9.26 2.02
N GLY A 211 -3.82 -10.11 3.04
CA GLY A 211 -4.80 -10.12 4.10
C GLY A 211 -6.01 -11.01 3.88
N SER A 212 -6.06 -11.80 2.81
CA SER A 212 -7.21 -12.66 2.56
C SER A 212 -7.12 -14.01 3.26
N GLU A 213 -6.00 -14.29 3.94
CA GLU A 213 -5.87 -15.42 4.88
C GLU A 213 -6.23 -16.76 4.25
N GLY A 214 -5.84 -16.94 2.99
CA GLY A 214 -6.04 -18.19 2.27
C GLY A 214 -7.46 -18.57 1.90
N THR A 215 -8.41 -17.64 2.00
CA THR A 215 -9.78 -17.91 1.66
C THR A 215 -10.09 -17.57 0.21
N LEU A 216 -9.20 -16.84 -0.46
CA LEU A 216 -9.44 -16.43 -1.83
C LEU A 216 -8.46 -17.07 -2.81
N GLY A 217 -7.41 -17.70 -2.33
CA GLY A 217 -6.41 -18.32 -3.18
C GLY A 217 -5.20 -18.67 -2.37
N ILE A 218 -4.32 -19.51 -2.90
CA ILE A 218 -3.08 -19.86 -2.22
C ILE A 218 -1.94 -19.11 -2.89
N ILE A 219 -1.29 -18.25 -2.11
CA ILE A 219 -0.12 -17.52 -2.60
C ILE A 219 1.03 -18.50 -2.77
N THR A 220 1.57 -18.55 -3.98
CA THR A 220 2.70 -19.43 -4.25
C THR A 220 3.99 -18.69 -4.54
N THR A 221 3.93 -17.46 -5.07
CA THR A 221 5.16 -16.72 -5.34
C THR A 221 4.96 -15.26 -4.97
N VAL A 222 5.98 -14.67 -4.35
CA VAL A 222 5.95 -13.29 -3.91
C VAL A 222 7.09 -12.50 -4.54
N SER A 223 6.77 -11.31 -5.04
CA SER A 223 7.71 -10.28 -5.46
C SER A 223 7.55 -9.10 -4.52
N ILE A 224 8.66 -8.67 -3.91
CA ILE A 224 8.62 -7.70 -2.82
C ILE A 224 9.82 -6.76 -2.91
N LEU A 225 9.59 -5.49 -2.57
CA LEU A 225 10.61 -4.44 -2.63
C LEU A 225 11.40 -4.41 -1.32
N CYS A 226 12.69 -4.71 -1.39
CA CYS A 226 13.54 -4.71 -0.20
C CYS A 226 14.20 -3.36 0.00
N PRO A 227 14.04 -2.72 1.16
CA PRO A 227 14.78 -1.49 1.42
C PRO A 227 16.25 -1.75 1.49
N PRO A 228 17.07 -0.74 1.21
CA PRO A 228 18.52 -0.86 1.42
C PRO A 228 18.84 -1.13 2.88
N LYS A 229 19.94 -1.84 3.09
CA LYS A 229 20.38 -2.16 4.45
C LYS A 229 20.95 -0.92 5.12
N PRO A 230 20.50 -0.54 6.31
CA PRO A 230 21.07 0.67 6.94
C PRO A 230 22.52 0.49 7.35
N ARG A 231 23.29 1.57 7.15
CA ARG A 231 24.67 1.61 7.62
C ARG A 231 24.72 1.63 9.13
N ALA A 232 23.78 2.34 9.76
CA ALA A 232 23.79 2.45 11.20
C ALA A 232 22.39 2.16 11.74
N VAL A 233 22.32 1.21 12.67
CA VAL A 233 21.12 0.87 13.42
C VAL A 233 21.45 1.12 14.89
N ASN A 234 20.62 1.92 15.55
CA ASN A 234 20.76 2.16 16.97
C ASN A 234 19.49 1.74 17.70
N VAL A 235 19.66 1.26 18.93
CA VAL A 235 18.55 0.92 19.78
C VAL A 235 18.74 1.61 21.11
N ALA A 236 17.70 2.33 21.56
CA ALA A 236 17.62 2.88 22.90
C ALA A 236 16.52 2.13 23.64
N PHE A 237 16.87 1.53 24.77
CA PHE A 237 15.91 0.90 25.65
C PHE A 237 15.77 1.77 26.89
N LEU A 238 14.59 2.33 27.08
CA LEU A 238 14.35 3.38 28.08
C LEU A 238 13.29 2.94 29.07
N GLY A 239 13.46 3.39 30.31
CA GLY A 239 12.46 3.21 31.35
C GLY A 239 11.76 4.53 31.59
N CYS A 240 10.43 4.49 31.54
CA CYS A 240 9.56 5.63 31.72
C CYS A 240 8.70 5.45 32.98
N PRO A 241 8.48 6.53 33.73
CA PRO A 241 7.76 6.43 35.01
C PRO A 241 6.25 6.43 34.90
N GLY A 242 5.68 6.61 33.71
CA GLY A 242 4.25 6.48 33.50
C GLY A 242 3.93 6.57 32.02
N PHE A 243 2.65 6.32 31.69
CA PHE A 243 2.24 6.34 30.30
C PHE A 243 2.18 7.75 29.67
N ALA A 244 1.85 8.78 30.46
CA ALA A 244 1.94 10.14 29.94
C ALA A 244 3.33 10.45 29.41
N GLU A 245 4.35 9.97 30.14
CA GLU A 245 5.72 10.20 29.75
C GLU A 245 6.10 9.36 28.53
N VAL A 246 5.55 8.15 28.43
CA VAL A 246 5.69 7.38 27.20
C VAL A 246 5.17 8.18 26.00
N LEU A 247 3.99 8.79 26.14
CA LEU A 247 3.46 9.54 25.03
C LEU A 247 4.32 10.75 24.69
N GLN A 248 4.89 11.42 25.69
CA GLN A 248 5.77 12.54 25.36
C GLN A 248 7.12 12.08 24.82
N THR A 249 7.64 10.95 25.30
CA THR A 249 8.82 10.35 24.68
C THR A 249 8.58 10.05 23.21
N PHE A 250 7.40 9.52 22.87
CA PHE A 250 7.05 9.30 21.47
C PHE A 250 7.01 10.61 20.67
N SER A 251 6.32 11.62 21.19
CA SER A 251 6.21 12.90 20.47
C SER A 251 7.58 13.54 20.24
N THR A 252 8.41 13.57 21.29
CA THR A 252 9.73 14.17 21.18
C THR A 252 10.61 13.36 20.25
N CYS A 253 10.56 12.04 20.37
CA CYS A 253 11.24 11.14 19.45
C CYS A 253 10.94 11.48 18.00
N LYS A 254 9.67 11.68 17.66
CA LYS A 254 9.36 12.03 16.27
C LYS A 254 9.88 13.41 15.90
N GLY A 255 9.80 14.38 16.80
CA GLY A 255 10.31 15.71 16.51
C GLY A 255 11.81 15.79 16.35
N MET A 256 12.55 14.98 17.10
CA MET A 256 14.00 15.08 17.19
C MET A 256 14.73 14.00 16.39
N LEU A 257 14.11 12.85 16.15
CA LEU A 257 14.72 11.79 15.34
C LEU A 257 14.17 11.79 13.92
N GLY A 258 12.87 11.99 13.76
CA GLY A 258 12.34 12.21 12.42
C GLY A 258 12.49 11.02 11.50
N GLU A 259 13.08 11.27 10.34
CA GLU A 259 13.15 10.28 9.26
C GLU A 259 14.02 9.05 9.58
N ILE A 260 14.92 9.12 10.56
CA ILE A 260 15.68 7.91 10.87
C ILE A 260 14.95 6.92 11.76
N LEU A 261 13.83 7.30 12.36
CA LEU A 261 13.13 6.38 13.26
C LEU A 261 12.63 5.16 12.50
N SER A 262 12.96 3.98 13.02
CA SER A 262 12.53 2.73 12.42
C SER A 262 11.73 1.86 13.38
N ALA A 263 11.72 2.18 14.67
CA ALA A 263 10.85 1.42 15.56
C ALA A 263 10.56 2.22 16.83
N PHE A 264 9.34 2.07 17.32
CA PHE A 264 8.95 2.62 18.61
C PHE A 264 7.98 1.64 19.25
N GLU A 265 8.46 0.87 20.22
CA GLU A 265 7.69 -0.16 20.89
C GLU A 265 7.62 0.20 22.36
N PHE A 266 6.57 -0.25 23.04
CA PHE A 266 6.45 -0.05 24.47
C PHE A 266 6.02 -1.35 25.12
N MET A 267 6.24 -1.45 26.42
CA MET A 267 5.81 -2.60 27.22
C MET A 267 5.65 -2.13 28.65
N ASP A 268 4.77 -2.79 29.40
CA ASP A 268 4.63 -2.38 30.79
C ASP A 268 5.52 -3.24 31.71
N ALA A 269 5.52 -2.89 33.00
CA ALA A 269 6.31 -3.58 34.01
C ALA A 269 6.02 -5.07 34.08
N VAL A 270 4.74 -5.44 34.05
CA VAL A 270 4.40 -6.84 34.21
C VAL A 270 5.00 -7.67 33.07
N CYS A 271 5.04 -7.09 31.87
CA CYS A 271 5.69 -7.73 30.74
C CYS A 271 7.16 -8.02 31.04
N MET A 272 7.87 -7.03 31.56
CA MET A 272 9.28 -7.21 31.90
C MET A 272 9.45 -8.35 32.91
N GLN A 273 8.60 -8.34 33.95
CA GLN A 273 8.63 -9.42 34.94
C GLN A 273 8.38 -10.79 34.31
N LEU A 274 7.43 -10.87 33.38
CA LEU A 274 7.14 -12.17 32.77
C LEU A 274 8.26 -12.66 31.86
N VAL A 275 8.90 -11.77 31.08
CA VAL A 275 10.03 -12.28 30.28
C VAL A 275 11.19 -12.67 31.18
N GLY A 276 11.41 -11.94 32.28
CA GLY A 276 12.44 -12.36 33.21
C GLY A 276 12.13 -13.67 33.91
N ARG A 277 10.88 -13.83 34.37
CA ARG A 277 10.50 -15.05 35.08
C ARG A 277 10.54 -16.27 34.17
N HIS A 278 9.83 -16.22 33.04
CA HIS A 278 9.67 -17.39 32.20
C HIS A 278 10.80 -17.57 31.20
N LEU A 279 11.44 -16.49 30.73
CA LEU A 279 12.51 -16.60 29.75
C LEU A 279 13.90 -16.33 30.31
N HIS A 280 14.03 -15.88 31.55
CA HIS A 280 15.34 -15.71 32.19
C HIS A 280 16.18 -14.67 31.48
N LEU A 281 15.53 -13.60 31.04
CA LEU A 281 16.18 -12.46 30.40
C LEU A 281 16.18 -11.30 31.39
N ALA A 282 17.37 -10.82 31.74
CA ALA A 282 17.47 -9.77 32.74
C ALA A 282 17.24 -8.40 32.12
N SER A 283 16.62 -7.52 32.90
CA SER A 283 16.44 -6.13 32.47
C SER A 283 17.77 -5.39 32.47
N PRO A 284 18.04 -4.58 31.45
CA PRO A 284 19.26 -3.76 31.41
C PRO A 284 19.11 -2.37 32.02
N VAL A 285 17.90 -2.00 32.43
CA VAL A 285 17.64 -0.69 33.03
C VAL A 285 16.92 -0.88 34.35
N GLN A 286 16.82 0.22 35.10
CA GLN A 286 16.16 0.20 36.40
C GLN A 286 14.69 -0.19 36.27
N GLU A 287 14.13 -0.76 37.34
CA GLU A 287 12.73 -1.14 37.33
C GLU A 287 11.91 0.12 37.09
N SER A 288 10.99 0.05 36.14
CA SER A 288 10.11 1.17 35.83
C SER A 288 8.71 0.65 35.52
N PRO A 289 7.69 1.50 35.66
CA PRO A 289 6.35 1.06 35.25
C PRO A 289 6.23 0.85 33.75
N PHE A 290 6.99 1.57 32.92
CA PHE A 290 6.91 1.38 31.47
C PHE A 290 8.31 1.35 30.85
N TYR A 291 8.44 0.60 29.76
CA TYR A 291 9.66 0.56 28.96
C TYR A 291 9.36 0.90 27.50
N VAL A 292 10.29 1.60 26.86
CA VAL A 292 10.21 1.99 25.46
C VAL A 292 11.45 1.50 24.73
N LEU A 293 11.25 0.78 23.63
CA LEU A 293 12.34 0.42 22.72
C LEU A 293 12.27 1.29 21.46
N ILE A 294 13.28 2.12 21.26
CA ILE A 294 13.39 2.95 20.07
C ILE A 294 14.49 2.39 19.19
N GLU A 295 14.20 2.16 17.91
CA GLU A 295 15.23 1.85 16.94
C GLU A 295 15.31 2.96 15.91
N THR A 296 16.54 3.28 15.49
CA THR A 296 16.80 4.15 14.35
C THR A 296 17.64 3.41 13.31
N SER A 297 17.47 3.81 12.05
CA SER A 297 18.19 3.27 10.90
C SER A 297 18.53 4.42 9.96
N GLY A 298 19.81 4.60 9.67
CA GLY A 298 20.20 5.71 8.82
C GLY A 298 21.47 5.39 8.05
N SER A 299 21.81 6.31 7.13
CA SER A 299 22.92 6.15 6.20
C SER A 299 24.20 6.80 6.71
N ASN A 300 24.11 7.74 7.63
CA ASN A 300 25.30 8.36 8.20
C ASN A 300 25.31 8.09 9.71
N ALA A 301 26.20 7.21 10.14
CA ALA A 301 26.23 6.80 11.54
C ALA A 301 26.50 7.97 12.48
N GLY A 302 27.32 8.92 12.07
CA GLY A 302 27.60 10.06 12.94
C GLY A 302 26.42 10.99 13.12
N HIS A 303 25.67 11.27 12.04
CA HIS A 303 24.47 12.09 12.18
C HIS A 303 23.42 11.41 13.06
N ASP A 304 23.24 10.11 12.88
CA ASP A 304 22.31 9.37 13.71
C ASP A 304 22.73 9.44 15.17
N ALA A 305 24.01 9.17 15.44
CA ALA A 305 24.50 9.21 16.81
C ALA A 305 24.30 10.60 17.44
N GLU A 306 24.52 11.67 16.67
CA GLU A 306 24.28 13.02 17.19
C GLU A 306 22.80 13.24 17.51
N LYS A 307 21.91 12.79 16.61
CA LYS A 307 20.48 12.92 16.87
C LYS A 307 20.07 12.17 18.13
N LEU A 308 20.56 10.93 18.29
CA LEU A 308 20.23 10.16 19.50
C LEU A 308 20.76 10.86 20.73
N GLY A 309 21.97 11.38 20.67
CA GLY A 309 22.51 12.10 21.80
C GLY A 309 21.63 13.26 22.24
N HIS A 310 21.26 14.14 21.29
CA HIS A 310 20.42 15.29 21.67
C HIS A 310 19.06 14.85 22.17
N PHE A 311 18.48 13.83 21.54
CA PHE A 311 17.20 13.29 22.01
C PHE A 311 17.30 12.76 23.43
N LEU A 312 18.28 11.89 23.69
CA LEU A 312 18.45 11.30 25.01
C LEU A 312 18.70 12.36 26.07
N GLU A 313 19.63 13.28 25.80
CA GLU A 313 19.92 14.36 26.73
C GLU A 313 18.66 15.12 27.10
N HIS A 314 17.86 15.48 26.09
CA HIS A 314 16.62 16.23 26.37
C HIS A 314 15.62 15.38 27.15
N ALA A 315 15.47 14.09 26.80
CA ALA A 315 14.48 13.24 27.46
C ALA A 315 14.84 12.97 28.92
N LEU A 316 16.10 12.64 29.20
CA LEU A 316 16.56 12.53 30.59
C LEU A 316 16.43 13.86 31.31
N GLY A 317 16.75 14.95 30.63
CA GLY A 317 16.70 16.27 31.26
C GLY A 317 15.30 16.72 31.61
N SER A 318 14.30 16.35 30.79
CA SER A 318 12.94 16.79 31.04
C SER A 318 12.15 15.78 31.88
N GLY A 319 12.81 14.76 32.42
CA GLY A 319 12.17 13.77 33.25
C GLY A 319 11.26 12.78 32.56
N LEU A 320 11.25 12.70 31.23
CA LEU A 320 10.44 11.69 30.55
C LEU A 320 11.01 10.29 30.73
N VAL A 321 12.34 10.15 30.71
CA VAL A 321 12.98 8.86 30.94
C VAL A 321 13.81 8.96 32.21
N THR A 322 13.77 7.89 33.02
CA THR A 322 14.49 7.77 34.29
C THR A 322 15.83 7.07 34.12
N ASP A 323 15.89 6.00 33.35
CA ASP A 323 17.12 5.25 33.15
C ASP A 323 17.07 4.70 31.72
N GLY A 324 18.22 4.68 31.05
CA GLY A 324 18.27 4.25 29.66
C GLY A 324 19.58 3.60 29.29
N THR A 325 19.52 2.64 28.36
CA THR A 325 20.73 2.08 27.76
C THR A 325 20.63 2.15 26.24
N MET A 326 21.75 2.49 25.61
CA MET A 326 21.84 2.55 24.16
C MET A 326 22.80 1.47 23.66
N ALA A 327 22.59 1.04 22.42
CA ALA A 327 23.42 0.01 21.79
C ALA A 327 23.47 0.22 20.28
N THR A 328 24.67 0.07 19.72
CA THR A 328 24.87 -0.03 18.27
C THR A 328 25.54 -1.33 17.83
N ASP A 329 26.29 -1.99 18.72
CA ASP A 329 26.84 -3.32 18.43
C ASP A 329 25.70 -4.30 18.16
N GLN A 330 25.81 -5.04 17.06
CA GLN A 330 24.74 -5.94 16.64
C GLN A 330 24.32 -6.90 17.76
N ARG A 331 25.29 -7.39 18.56
CA ARG A 331 24.97 -8.33 19.62
C ARG A 331 24.08 -7.67 20.68
N LYS A 332 24.47 -6.50 21.17
CA LYS A 332 23.67 -5.84 22.21
C LYS A 332 22.35 -5.35 21.64
N VAL A 333 22.33 -4.98 20.36
CA VAL A 333 21.07 -4.64 19.69
C VAL A 333 20.10 -5.83 19.74
N LYS A 334 20.61 -7.02 19.40
CA LYS A 334 19.77 -8.23 19.45
C LYS A 334 19.36 -8.57 20.88
N MET A 335 20.24 -8.33 21.86
CA MET A 335 19.90 -8.54 23.26
C MET A 335 18.70 -7.68 23.67
N LEU A 336 18.79 -6.37 23.39
CA LEU A 336 17.69 -5.47 23.71
C LEU A 336 16.41 -5.85 22.97
N TRP A 337 16.51 -6.14 21.68
CA TRP A 337 15.34 -6.56 20.92
C TRP A 337 14.67 -7.79 21.50
N ALA A 338 15.45 -8.76 22.00
CA ALA A 338 14.86 -9.96 22.58
C ALA A 338 13.89 -9.67 23.72
N LEU A 339 14.15 -8.62 24.52
CA LEU A 339 13.24 -8.29 25.60
C LEU A 339 11.83 -7.96 25.11
N ARG A 340 11.70 -7.38 23.92
CA ARG A 340 10.41 -7.04 23.32
C ARG A 340 9.85 -8.18 22.47
N GLU A 341 10.69 -8.76 21.61
CA GLU A 341 10.25 -9.76 20.63
C GLU A 341 9.62 -10.98 21.28
N ARG A 342 10.09 -11.35 22.47
CA ARG A 342 9.70 -12.59 23.13
C ARG A 342 8.60 -12.40 24.18
N ILE A 343 7.91 -11.27 24.20
CA ILE A 343 6.85 -11.07 25.19
C ILE A 343 5.73 -12.08 24.98
N THR A 344 5.30 -12.26 23.73
CA THR A 344 4.22 -13.20 23.42
C THR A 344 4.51 -14.61 23.92
N GLU A 345 5.78 -15.05 23.82
CA GLU A 345 6.18 -16.35 24.35
C GLU A 345 6.11 -16.37 25.88
N ALA A 346 6.68 -15.36 26.53
CA ALA A 346 6.61 -15.29 27.98
C ALA A 346 5.17 -15.29 28.47
N LEU A 347 4.27 -14.63 27.74
CA LEU A 347 2.86 -14.62 28.12
C LEU A 347 2.27 -16.02 28.04
N SER A 348 2.53 -16.73 26.94
CA SER A 348 1.98 -18.09 26.85
C SER A 348 2.58 -19.06 27.87
N ARG A 349 3.68 -18.71 28.52
CA ARG A 349 4.20 -19.55 29.59
C ARG A 349 3.65 -19.20 30.96
N ASP A 350 2.85 -18.14 31.09
CA ASP A 350 2.28 -17.73 32.36
C ASP A 350 0.96 -18.42 32.68
N GLY A 351 0.41 -19.17 31.73
CA GLY A 351 -0.87 -19.82 31.88
C GLY A 351 -1.76 -19.57 30.68
N TYR A 352 -3.08 -19.63 30.88
CA TYR A 352 -4.01 -19.38 29.78
C TYR A 352 -4.04 -17.90 29.47
N VAL A 353 -4.02 -17.60 28.18
CA VAL A 353 -3.90 -16.24 27.68
C VAL A 353 -5.18 -15.86 26.94
N TYR A 354 -5.81 -14.78 27.38
CA TYR A 354 -6.86 -14.11 26.62
C TYR A 354 -6.16 -12.98 25.87
N LYS A 355 -6.23 -13.02 24.54
CA LYS A 355 -5.40 -12.20 23.67
C LYS A 355 -6.30 -11.27 22.84
N TYR A 356 -6.04 -9.97 22.92
CA TYR A 356 -6.74 -8.99 22.12
C TYR A 356 -5.69 -8.14 21.43
N ASP A 357 -5.96 -7.78 20.17
CA ASP A 357 -5.01 -7.04 19.32
C ASP A 357 -5.78 -5.85 18.74
N LEU A 358 -5.60 -4.68 19.34
CA LEU A 358 -6.48 -3.53 19.08
C LEU A 358 -5.70 -2.36 18.47
N SER A 359 -6.36 -1.66 17.54
CA SER A 359 -5.93 -0.33 17.10
C SER A 359 -6.77 0.69 17.85
N LEU A 360 -6.10 1.60 18.55
CA LEU A 360 -6.77 2.60 19.37
C LEU A 360 -6.08 3.94 19.21
N PRO A 361 -6.79 5.04 19.51
CA PRO A 361 -6.11 6.34 19.56
C PRO A 361 -4.92 6.22 20.52
N VAL A 362 -3.75 6.67 20.06
CA VAL A 362 -2.53 6.50 20.84
C VAL A 362 -2.64 7.11 22.23
N GLU A 363 -3.28 8.28 22.34
CA GLU A 363 -3.43 8.99 23.60
C GLU A 363 -4.22 8.21 24.66
N ARG A 364 -4.98 7.18 24.27
CA ARG A 364 -5.68 6.36 25.24
C ARG A 364 -5.37 4.88 25.04
N LEU A 365 -4.18 4.60 24.52
CA LEU A 365 -3.83 3.22 24.16
C LEU A 365 -3.84 2.30 25.38
N TYR A 366 -3.42 2.82 26.55
CA TYR A 366 -3.27 2.00 27.75
C TYR A 366 -4.50 2.05 28.67
N ASP A 367 -5.46 2.93 28.40
CA ASP A 367 -6.61 3.11 29.28
C ASP A 367 -7.35 1.79 29.52
N ILE A 368 -7.46 0.96 28.49
CA ILE A 368 -8.18 -0.29 28.65
C ILE A 368 -7.45 -1.22 29.61
N VAL A 369 -6.11 -1.17 29.63
CA VAL A 369 -5.38 -2.00 30.59
C VAL A 369 -5.72 -1.63 32.03
N THR A 370 -5.70 -0.33 32.35
CA THR A 370 -6.06 0.08 33.70
C THR A 370 -7.51 -0.27 34.01
N ASP A 371 -8.39 -0.07 33.03
CA ASP A 371 -9.78 -0.42 33.24
C ASP A 371 -9.92 -1.90 33.55
N LEU A 372 -9.28 -2.78 32.77
CA LEU A 372 -9.37 -4.21 33.05
C LEU A 372 -8.76 -4.59 34.40
N ARG A 373 -7.65 -3.94 34.79
CA ARG A 373 -7.07 -4.24 36.10
C ARG A 373 -8.03 -3.89 37.23
N ALA A 374 -8.74 -2.77 37.09
CA ALA A 374 -9.73 -2.44 38.10
C ALA A 374 -10.95 -3.36 38.00
N ARG A 375 -11.39 -3.67 36.79
CA ARG A 375 -12.60 -4.46 36.60
C ARG A 375 -12.40 -5.90 37.04
N LEU A 376 -11.25 -6.51 36.70
CA LEU A 376 -10.88 -7.84 37.15
C LEU A 376 -9.93 -7.65 38.32
N GLY A 377 -10.37 -7.96 39.52
CA GLY A 377 -9.52 -7.72 40.64
C GLY A 377 -8.52 -8.85 40.72
N PRO A 378 -8.74 -9.74 41.68
CA PRO A 378 -7.88 -10.91 41.88
C PRO A 378 -8.26 -12.07 41.00
N HIS A 379 -9.21 -11.91 40.09
CA HIS A 379 -9.65 -12.99 39.22
C HIS A 379 -8.81 -13.19 37.96
N ALA A 380 -7.88 -12.29 37.65
CA ALA A 380 -6.91 -12.54 36.61
C ALA A 380 -5.54 -12.72 37.26
N LYS A 381 -4.67 -13.51 36.63
CA LYS A 381 -3.29 -13.57 37.09
C LYS A 381 -2.53 -12.30 36.72
N HIS A 382 -2.53 -11.97 35.43
CA HIS A 382 -1.91 -10.71 35.04
C HIS A 382 -2.72 -10.07 33.93
N VAL A 383 -2.72 -8.74 33.89
CA VAL A 383 -3.18 -8.00 32.72
C VAL A 383 -2.02 -7.15 32.25
N VAL A 384 -1.64 -7.32 30.98
CA VAL A 384 -0.51 -6.60 30.41
C VAL A 384 -0.92 -5.90 29.12
N GLY A 385 -0.21 -4.82 28.83
CA GLY A 385 -0.28 -4.11 27.58
C GLY A 385 1.10 -3.82 27.05
N TYR A 386 1.33 -4.11 25.77
CA TYR A 386 2.59 -3.76 25.13
C TYR A 386 2.30 -3.57 23.65
N GLY A 387 3.32 -3.20 22.89
CA GLY A 387 3.25 -3.29 21.43
C GLY A 387 3.60 -2.05 20.62
N HIS A 388 3.05 -1.97 19.40
CA HIS A 388 3.49 -1.00 18.39
C HIS A 388 2.77 0.31 18.64
N LEU A 389 3.26 1.03 19.65
CA LEU A 389 2.66 2.30 20.03
C LEU A 389 2.72 3.31 18.89
N GLY A 390 3.81 3.32 18.13
CA GLY A 390 3.91 4.25 17.02
C GLY A 390 2.81 4.10 15.99
N ASP A 391 2.30 2.88 15.83
CA ASP A 391 1.22 2.57 14.88
C ASP A 391 -0.14 2.45 15.54
N GLY A 392 -0.27 2.88 16.80
CA GLY A 392 -1.53 2.81 17.50
C GLY A 392 -2.06 1.42 17.79
N ASN A 393 -1.18 0.47 18.04
CA ASN A 393 -1.56 -0.94 18.11
C ASN A 393 -1.14 -1.51 19.45
N LEU A 394 -2.14 -1.84 20.28
CA LEU A 394 -1.92 -2.39 21.59
C LEU A 394 -2.16 -3.88 21.53
N HIS A 395 -1.19 -4.65 22.05
CA HIS A 395 -1.37 -6.06 22.34
C HIS A 395 -1.75 -6.11 23.81
N LEU A 396 -2.99 -6.53 24.06
CA LEU A 396 -3.60 -6.60 25.37
C LEU A 396 -3.75 -8.07 25.70
N ASN A 397 -3.17 -8.48 26.80
CA ASN A 397 -3.28 -9.88 27.19
C ASN A 397 -3.66 -9.98 28.65
N VAL A 398 -4.52 -10.94 28.93
CA VAL A 398 -4.84 -11.28 30.31
C VAL A 398 -4.47 -12.74 30.50
N THR A 399 -3.71 -13.02 31.53
CA THR A 399 -3.33 -14.37 31.86
C THR A 399 -4.05 -14.78 33.13
N ALA A 400 -4.41 -16.07 33.17
CA ALA A 400 -4.94 -16.74 34.34
C ALA A 400 -4.27 -18.10 34.44
N GLU A 401 -4.19 -18.64 35.65
CA GLU A 401 -3.64 -19.97 35.79
C GLU A 401 -4.43 -21.01 35.00
N ALA A 402 -5.74 -20.84 34.85
CA ALA A 402 -6.49 -21.68 33.94
C ALA A 402 -7.64 -20.89 33.33
N PHE A 403 -8.16 -21.39 32.22
CA PHE A 403 -9.31 -20.74 31.57
C PHE A 403 -10.52 -20.74 32.49
N SER A 404 -11.23 -19.62 32.50
CA SER A 404 -12.44 -19.47 33.30
C SER A 404 -13.56 -18.94 32.41
N PRO A 405 -14.70 -19.63 32.31
CA PRO A 405 -15.85 -19.01 31.64
C PRO A 405 -16.29 -17.72 32.30
N SER A 406 -16.10 -17.61 33.63
CA SER A 406 -16.31 -16.37 34.35
C SER A 406 -15.48 -15.23 33.76
N LEU A 407 -14.18 -15.46 33.62
CA LEU A 407 -13.27 -14.43 33.15
C LEU A 407 -13.56 -14.06 31.70
N LEU A 408 -13.96 -15.05 30.88
CA LEU A 408 -14.39 -14.75 29.50
C LEU A 408 -15.59 -13.82 29.49
N ALA A 409 -16.60 -14.13 30.29
CA ALA A 409 -17.77 -13.24 30.38
C ALA A 409 -17.37 -11.84 30.86
N ALA A 410 -16.36 -11.73 31.72
CA ALA A 410 -15.91 -10.40 32.10
C ALA A 410 -15.19 -9.67 30.97
N LEU A 411 -14.44 -10.39 30.12
CA LEU A 411 -13.68 -9.73 29.07
C LEU A 411 -14.47 -9.47 27.80
N GLU A 412 -15.39 -10.37 27.43
CA GLU A 412 -16.09 -10.28 26.17
C GLU A 412 -17.59 -10.30 26.43
N PRO A 413 -18.37 -9.41 25.80
CA PRO A 413 -17.98 -8.48 24.75
C PRO A 413 -17.32 -7.17 25.19
N HIS A 414 -17.17 -6.96 26.49
CA HIS A 414 -16.70 -5.67 27.00
C HIS A 414 -15.52 -5.07 26.21
N VAL A 415 -14.44 -5.84 26.01
CA VAL A 415 -13.26 -5.32 25.31
C VAL A 415 -13.59 -4.89 23.90
N TYR A 416 -14.38 -5.70 23.19
CA TYR A 416 -14.78 -5.36 21.83
C TYR A 416 -15.69 -4.14 21.81
N GLU A 417 -16.57 -4.01 22.81
CA GLU A 417 -17.43 -2.84 22.89
C GLU A 417 -16.63 -1.56 23.17
N TRP A 418 -15.66 -1.61 24.08
CA TRP A 418 -14.76 -0.47 24.31
C TRP A 418 -14.05 -0.05 23.02
N THR A 419 -13.41 -1.02 22.36
CA THR A 419 -12.75 -0.73 21.09
C THR A 419 -13.70 -0.06 20.11
N ALA A 420 -14.90 -0.62 19.93
CA ALA A 420 -15.86 -0.01 19.03
C ALA A 420 -16.21 1.40 19.48
N GLY A 421 -16.37 1.60 20.79
CA GLY A 421 -16.55 2.95 21.30
C GLY A 421 -15.44 3.90 20.94
N GLN A 422 -14.23 3.39 20.68
CA GLN A 422 -13.14 4.26 20.21
C GLN A 422 -13.00 4.27 18.70
N GLN A 423 -13.96 3.70 17.97
CA GLN A 423 -13.86 3.50 16.52
C GLN A 423 -12.57 2.76 16.14
N GLY A 424 -12.22 1.76 16.96
CA GLY A 424 -10.96 1.06 16.85
C GLY A 424 -11.09 -0.23 16.06
N SER A 425 -9.97 -0.96 15.98
CA SER A 425 -9.96 -2.25 15.32
C SER A 425 -9.84 -3.37 16.35
N VAL A 426 -10.74 -4.35 16.25
CA VAL A 426 -10.69 -5.56 17.06
C VAL A 426 -9.68 -6.59 16.57
N SER A 427 -9.02 -6.33 15.45
CA SER A 427 -7.86 -7.14 15.07
C SER A 427 -6.93 -6.25 14.25
N ALA A 428 -5.98 -5.62 14.94
CA ALA A 428 -5.09 -4.68 14.27
C ALA A 428 -4.15 -5.38 13.28
N GLU A 429 -3.61 -6.54 13.67
CA GLU A 429 -2.49 -7.16 12.96
C GLU A 429 -2.76 -8.61 12.59
N HIS A 430 -3.11 -9.38 13.62
CA HIS A 430 -3.11 -10.84 13.58
C HIS A 430 -4.18 -11.38 12.65
N GLY A 431 -5.20 -10.60 12.38
CA GLY A 431 -6.24 -10.97 11.47
C GLY A 431 -7.44 -11.55 12.17
N VAL A 432 -8.19 -12.35 11.42
CA VAL A 432 -9.51 -12.80 11.82
C VAL A 432 -9.52 -14.30 12.06
N GLY A 433 -9.19 -15.07 11.05
CA GLY A 433 -9.13 -16.51 11.17
C GLY A 433 -10.42 -17.13 11.68
N PHE A 434 -10.25 -18.14 12.54
CA PHE A 434 -11.36 -18.81 13.22
C PHE A 434 -11.87 -18.06 14.45
N ARG A 435 -10.96 -17.57 15.29
CA ARG A 435 -11.35 -17.00 16.59
C ARG A 435 -12.26 -15.78 16.45
N LYS A 436 -12.00 -14.90 15.49
CA LYS A 436 -12.64 -13.58 15.47
C LYS A 436 -13.68 -13.42 14.36
N ARG A 437 -14.08 -14.50 13.68
CA ARG A 437 -14.98 -14.40 12.54
C ARG A 437 -16.33 -13.75 12.90
N ASP A 438 -16.79 -13.91 14.13
CA ASP A 438 -18.09 -13.39 14.53
C ASP A 438 -18.00 -12.12 15.36
N VAL A 439 -16.85 -11.46 15.41
CA VAL A 439 -16.75 -10.19 16.10
C VAL A 439 -16.30 -9.05 15.18
N LEU A 440 -16.38 -9.26 13.85
CA LEU A 440 -15.95 -8.20 12.94
C LEU A 440 -16.90 -7.01 12.90
N GLY A 441 -18.15 -7.20 13.29
CA GLY A 441 -19.12 -6.11 13.35
C GLY A 441 -18.73 -4.97 14.24
N TYR A 442 -17.80 -5.19 15.17
CA TYR A 442 -17.33 -4.07 15.97
C TYR A 442 -16.40 -3.14 15.20
N SER A 443 -15.88 -3.55 14.04
CA SER A 443 -15.04 -2.69 13.22
C SER A 443 -15.51 -2.51 11.78
N LYS A 444 -16.45 -3.32 11.29
CA LYS A 444 -16.85 -3.27 9.90
C LYS A 444 -18.38 -3.26 9.82
N PRO A 445 -18.93 -2.41 8.97
CA PRO A 445 -20.39 -2.35 8.83
C PRO A 445 -20.89 -3.49 7.97
N PRO A 446 -22.19 -3.80 8.06
CA PRO A 446 -22.71 -4.99 7.35
C PRO A 446 -22.53 -4.99 5.84
N GLY A 447 -22.56 -3.83 5.20
CA GLY A 447 -22.35 -3.79 3.75
C GLY A 447 -20.95 -4.20 3.33
N ALA A 448 -19.94 -3.77 4.08
CA ALA A 448 -18.58 -4.24 3.84
C ALA A 448 -18.48 -5.76 3.98
N LEU A 449 -18.94 -6.30 5.10
CA LEU A 449 -18.87 -7.76 5.30
C LEU A 449 -19.65 -8.51 4.22
N GLN A 450 -20.73 -7.93 3.74
CA GLN A 450 -21.51 -8.56 2.68
C GLN A 450 -20.70 -8.59 1.38
N LEU A 451 -20.07 -7.46 1.02
CA LEU A 451 -19.23 -7.46 -0.17
C LEU A 451 -18.08 -8.46 -0.03
N MET A 452 -17.50 -8.57 1.16
CA MET A 452 -16.48 -9.58 1.40
C MET A 452 -16.99 -10.97 1.05
N GLN A 453 -18.20 -11.31 1.52
CA GLN A 453 -18.80 -12.60 1.21
C GLN A 453 -19.05 -12.77 -0.29
N GLN A 454 -19.44 -11.69 -0.98
CA GLN A 454 -19.64 -11.78 -2.42
C GLN A 454 -18.32 -12.08 -3.14
N LEU A 455 -17.23 -11.46 -2.69
CA LEU A 455 -15.94 -11.78 -3.30
C LEU A 455 -15.53 -13.22 -3.02
N LYS A 456 -15.74 -13.69 -1.79
CA LYS A 456 -15.48 -15.09 -1.49
C LYS A 456 -16.27 -16.01 -2.41
N ALA A 457 -17.54 -15.71 -2.62
CA ALA A 457 -18.39 -16.52 -3.48
C ALA A 457 -17.95 -16.47 -4.94
N LEU A 458 -17.47 -15.31 -5.40
CA LEU A 458 -16.99 -15.21 -6.77
C LEU A 458 -15.70 -16.02 -6.96
N LEU A 459 -14.74 -15.88 -6.05
CA LEU A 459 -13.45 -16.51 -6.27
C LEU A 459 -13.43 -17.99 -5.91
N ASP A 460 -14.28 -18.42 -4.99
CA ASP A 460 -14.28 -19.81 -4.50
C ASP A 460 -15.72 -20.21 -4.19
N PRO A 461 -16.54 -20.40 -5.22
CA PRO A 461 -17.96 -20.72 -4.98
C PRO A 461 -18.20 -21.99 -4.19
N LYS A 462 -17.34 -23.01 -4.31
CA LYS A 462 -17.52 -24.21 -3.50
C LYS A 462 -17.06 -24.02 -2.06
N GLY A 463 -16.31 -22.95 -1.78
CA GLY A 463 -15.83 -22.69 -0.44
C GLY A 463 -14.83 -23.69 0.09
N ILE A 464 -14.02 -24.28 -0.78
CA ILE A 464 -13.05 -25.28 -0.33
C ILE A 464 -11.83 -24.64 0.34
N LEU A 465 -11.49 -23.39 0.05
CA LEU A 465 -10.31 -22.77 0.64
C LEU A 465 -10.63 -22.21 2.02
N ASN A 466 -10.02 -22.81 3.04
CA ASN A 466 -10.12 -22.37 4.43
C ASN A 466 -11.56 -22.16 4.91
N PRO A 467 -12.38 -23.21 4.93
CA PRO A 467 -13.72 -23.07 5.51
C PRO A 467 -13.66 -22.72 7.00
N TYR A 468 -14.77 -22.19 7.50
CA TYR A 468 -14.99 -21.79 8.89
C TYR A 468 -14.17 -20.56 9.24
N LYS A 469 -13.53 -19.94 8.25
CA LYS A 469 -12.81 -18.69 8.38
C LYS A 469 -13.20 -17.87 7.14
N THR A 470 -12.75 -16.62 7.03
CA THR A 470 -12.41 -15.68 8.10
C THR A 470 -13.49 -14.60 7.99
N LEU A 471 -14.63 -15.00 7.44
CA LEU A 471 -15.83 -14.19 7.28
C LEU A 471 -16.88 -14.63 8.28
N PRO A 472 -17.87 -13.78 8.60
CA PRO A 472 -18.87 -14.19 9.60
C PRO A 472 -19.61 -15.45 9.18
N SER A 473 -20.12 -16.16 10.18
CA SER A 473 -20.81 -17.43 9.95
C SER A 473 -22.10 -17.25 9.15
N PRO B 7 -14.83 2.49 -35.49
CA PRO B 7 -14.80 3.08 -34.16
C PRO B 7 -15.59 2.27 -33.13
N VAL B 8 -15.73 2.82 -31.92
CA VAL B 8 -16.46 2.16 -30.84
C VAL B 8 -17.95 2.45 -30.98
N ARG B 9 -18.77 1.50 -30.56
CA ARG B 9 -20.23 1.58 -30.72
C ARG B 9 -20.90 1.87 -29.38
N ARG B 10 -21.82 2.83 -29.38
CA ARG B 10 -22.56 3.14 -28.16
C ARG B 10 -23.38 1.92 -27.73
N LEU B 11 -23.22 1.54 -26.46
CA LEU B 11 -23.99 0.47 -25.86
C LEU B 11 -25.43 0.90 -25.63
N PRO B 12 -26.36 -0.05 -25.51
CA PRO B 12 -27.78 0.32 -25.47
C PRO B 12 -28.27 0.87 -24.13
N PHE B 13 -27.64 1.96 -23.67
CA PHE B 13 -28.13 2.66 -22.50
C PHE B 13 -29.33 3.51 -22.89
N SER B 14 -30.16 3.85 -21.90
CA SER B 14 -31.22 4.83 -22.13
C SER B 14 -30.63 6.23 -22.32
N THR B 15 -31.51 7.19 -22.48
CA THR B 15 -31.13 8.59 -22.63
C THR B 15 -31.82 9.42 -21.56
N VAL B 16 -31.28 10.60 -21.31
CA VAL B 16 -31.82 11.48 -20.28
C VAL B 16 -33.08 12.17 -20.76
N SER B 17 -34.18 11.96 -20.05
CA SER B 17 -35.45 12.62 -20.33
C SER B 17 -35.63 13.84 -19.44
N LYS B 18 -36.68 14.62 -19.74
CA LYS B 18 -37.11 15.68 -18.83
C LYS B 18 -37.45 15.15 -17.44
N GLN B 19 -38.02 13.93 -17.36
CA GLN B 19 -38.34 13.36 -16.07
C GLN B 19 -37.08 13.02 -15.29
N ASP B 20 -36.04 12.57 -16.00
CA ASP B 20 -34.75 12.37 -15.34
C ASP B 20 -34.20 13.71 -14.85
N LEU B 21 -34.31 14.76 -15.66
CA LEU B 21 -33.83 16.07 -15.23
C LEU B 21 -34.57 16.56 -14.00
N ALA B 22 -35.88 16.33 -13.93
CA ALA B 22 -36.65 16.72 -12.75
C ALA B 22 -36.29 15.90 -11.52
N ALA B 23 -36.04 14.61 -11.70
CA ALA B 23 -35.54 13.76 -10.62
C ALA B 23 -34.22 14.27 -10.06
N PHE B 24 -33.29 14.63 -10.94
CA PHE B 24 -32.01 15.15 -10.48
C PHE B 24 -32.18 16.50 -9.79
N GLU B 25 -33.09 17.34 -10.26
CA GLU B 25 -33.30 18.61 -9.59
C GLU B 25 -33.84 18.39 -8.19
N ARG B 26 -34.70 17.38 -8.02
CA ARG B 26 -35.15 16.99 -6.69
C ARG B 26 -33.98 16.49 -5.84
N ILE B 27 -33.11 15.66 -6.42
CA ILE B 27 -32.05 15.01 -5.64
C ILE B 27 -30.92 15.99 -5.29
N VAL B 28 -30.51 16.84 -6.23
CA VAL B 28 -29.50 17.86 -5.93
C VAL B 28 -30.01 19.24 -6.33
N PRO B 29 -30.75 19.92 -5.46
CA PRO B 29 -31.26 21.25 -5.82
C PRO B 29 -30.12 22.21 -6.16
N GLY B 30 -30.23 22.85 -7.32
CA GLY B 30 -29.21 23.77 -7.77
C GLY B 30 -27.94 23.13 -8.27
N GLY B 31 -27.92 21.81 -8.44
CA GLY B 31 -26.72 21.11 -8.87
C GLY B 31 -26.85 20.41 -10.20
N VAL B 32 -27.79 20.87 -11.03
CA VAL B 32 -28.06 20.29 -12.35
C VAL B 32 -27.70 21.32 -13.41
N VAL B 33 -26.74 20.98 -14.27
CA VAL B 33 -26.32 21.86 -15.35
C VAL B 33 -26.68 21.22 -16.69
N THR B 34 -27.52 21.92 -17.48
CA THR B 34 -27.94 21.41 -18.78
C THR B 34 -27.54 22.28 -19.96
N ASP B 35 -27.08 23.50 -19.73
CA ASP B 35 -26.75 24.40 -20.82
C ASP B 35 -25.65 23.83 -21.71
N PRO B 36 -25.89 23.66 -23.01
CA PRO B 36 -24.87 23.05 -23.90
C PRO B 36 -23.54 23.80 -23.91
N GLU B 37 -23.57 25.13 -23.86
CA GLU B 37 -22.33 25.88 -23.83
C GLU B 37 -21.58 25.69 -22.51
N ALA B 38 -22.32 25.52 -21.42
CA ALA B 38 -21.69 25.21 -20.15
C ALA B 38 -21.14 23.79 -20.13
N LEU B 39 -21.77 22.85 -20.84
CA LEU B 39 -21.28 21.48 -20.93
C LEU B 39 -20.10 21.29 -21.88
N GLN B 40 -19.72 22.33 -22.62
CA GLN B 40 -18.57 22.23 -23.51
C GLN B 40 -17.33 21.81 -22.74
N ALA B 41 -16.93 22.63 -21.76
CA ALA B 41 -15.68 22.39 -21.06
C ALA B 41 -15.65 21.03 -20.38
N PRO B 42 -16.64 20.64 -19.56
CA PRO B 42 -16.57 19.31 -18.97
C PRO B 42 -16.65 18.19 -20.00
N ASN B 43 -17.09 18.46 -21.22
CA ASN B 43 -17.03 17.37 -22.20
C ASN B 43 -15.65 17.16 -22.85
N VAL B 44 -14.69 18.07 -22.70
CA VAL B 44 -13.39 17.95 -23.36
C VAL B 44 -12.32 17.57 -22.34
N ASP B 45 -11.48 16.60 -22.71
CA ASP B 45 -10.40 16.13 -21.87
C ASP B 45 -9.27 17.19 -21.77
N TRP B 46 -8.33 16.97 -20.84
CA TRP B 46 -7.23 17.91 -20.60
C TRP B 46 -6.34 18.14 -21.82
N LEU B 47 -6.07 17.08 -22.59
CA LEU B 47 -5.24 17.23 -23.78
C LEU B 47 -6.00 17.89 -24.92
N ARG B 48 -7.32 18.01 -24.82
CA ARG B 48 -8.18 18.62 -25.82
C ARG B 48 -8.22 17.79 -27.10
N THR B 49 -8.06 16.47 -26.97
CA THR B 49 -8.13 15.58 -28.12
C THR B 49 -9.30 14.60 -28.05
N LEU B 50 -10.10 14.62 -26.99
CA LEU B 50 -11.32 13.83 -26.89
C LEU B 50 -12.47 14.72 -26.46
N ARG B 51 -13.63 14.57 -27.08
CA ARG B 51 -14.77 15.38 -26.66
C ARG B 51 -16.01 14.50 -26.55
N GLY B 52 -16.67 14.53 -25.38
CA GLY B 52 -17.94 13.84 -25.26
C GLY B 52 -19.12 14.69 -25.66
N CYS B 53 -20.28 14.03 -25.68
CA CYS B 53 -21.56 14.64 -26.04
C CYS B 53 -22.56 14.57 -24.91
N SER B 54 -22.07 14.68 -23.68
CA SER B 54 -22.95 14.69 -22.52
C SER B 54 -23.84 15.92 -22.53
N LYS B 55 -25.10 15.73 -22.17
CA LYS B 55 -26.07 16.80 -22.08
C LYS B 55 -26.48 17.13 -20.65
N VAL B 56 -25.87 16.52 -19.65
CA VAL B 56 -26.19 16.87 -18.27
C VAL B 56 -24.97 16.67 -17.38
N LEU B 57 -24.67 17.69 -16.57
CA LEU B 57 -23.66 17.66 -15.53
C LEU B 57 -24.35 17.76 -14.17
N LEU B 58 -24.08 16.80 -13.28
CA LEU B 58 -24.62 16.80 -11.93
C LEU B 58 -23.51 17.12 -10.94
N ARG B 59 -23.79 18.02 -9.99
CA ARG B 59 -22.80 18.49 -9.01
C ARG B 59 -23.30 18.33 -7.58
N PRO B 60 -23.35 17.10 -7.08
CA PRO B 60 -23.82 16.88 -5.69
C PRO B 60 -22.88 17.48 -4.66
N ARG B 61 -23.42 17.75 -3.47
CA ARG B 61 -22.61 18.18 -2.32
C ARG B 61 -22.31 17.06 -1.33
N THR B 62 -23.13 16.01 -1.28
CA THR B 62 -23.06 15.02 -0.21
C THR B 62 -23.04 13.61 -0.78
N SER B 63 -22.59 12.67 0.05
CA SER B 63 -22.56 11.25 -0.31
C SER B 63 -23.96 10.72 -0.55
N GLU B 64 -24.93 11.15 0.26
CA GLU B 64 -26.31 10.70 0.08
C GLU B 64 -26.83 11.10 -1.28
N GLU B 65 -26.49 12.30 -1.74
CA GLU B 65 -26.89 12.75 -3.06
C GLU B 65 -26.29 11.85 -4.16
N VAL B 66 -25.03 11.44 -4.00
CA VAL B 66 -24.42 10.55 -4.98
C VAL B 66 -25.10 9.20 -4.99
N SER B 67 -25.38 8.68 -3.80
CA SER B 67 -26.16 7.44 -3.67
C SER B 67 -27.49 7.53 -4.42
N HIS B 68 -28.24 8.60 -4.20
CA HIS B 68 -29.54 8.72 -4.85
C HIS B 68 -29.43 8.90 -6.36
N ILE B 69 -28.46 9.72 -6.81
CA ILE B 69 -28.22 9.86 -8.25
C ILE B 69 -27.97 8.51 -8.89
N LEU B 70 -27.03 7.74 -8.33
CA LEU B 70 -26.69 6.45 -8.92
C LEU B 70 -27.83 5.45 -8.80
N ARG B 71 -28.58 5.46 -7.69
CA ARG B 71 -29.79 4.66 -7.58
C ARG B 71 -30.72 4.91 -8.76
N HIS B 72 -30.99 6.19 -9.05
CA HIS B 72 -31.84 6.54 -10.19
C HIS B 72 -31.25 6.05 -11.51
N CYS B 73 -29.97 6.35 -11.77
CA CYS B 73 -29.31 5.89 -13.00
C CYS B 73 -29.30 4.37 -13.13
N HIS B 74 -29.19 3.66 -12.01
CA HIS B 74 -29.26 2.20 -12.08
C HIS B 74 -30.65 1.74 -12.49
N GLU B 75 -31.69 2.26 -11.85
CA GLU B 75 -33.04 1.87 -12.26
C GLU B 75 -33.33 2.26 -13.71
N ARG B 76 -32.87 3.43 -14.15
CA ARG B 76 -33.16 3.92 -15.48
C ARG B 76 -32.21 3.43 -16.55
N ASN B 77 -31.11 2.75 -16.18
CA ASN B 77 -30.09 2.32 -17.13
C ASN B 77 -29.44 3.50 -17.83
N LEU B 78 -29.05 4.51 -17.05
CA LEU B 78 -28.32 5.68 -17.55
C LEU B 78 -26.84 5.57 -17.20
N ALA B 79 -25.99 5.70 -18.22
CA ALA B 79 -24.54 5.66 -18.01
C ALA B 79 -24.03 6.93 -17.32
N VAL B 80 -23.01 6.75 -16.47
CA VAL B 80 -22.47 7.85 -15.66
C VAL B 80 -20.97 7.92 -15.85
N ASN B 81 -20.46 9.13 -16.06
CA ASN B 81 -19.04 9.41 -16.22
C ASN B 81 -18.59 10.21 -15.01
N PRO B 82 -17.98 9.59 -14.00
CA PRO B 82 -17.44 10.34 -12.87
C PRO B 82 -16.33 11.27 -13.33
N GLN B 83 -16.27 12.45 -12.71
CA GLN B 83 -15.25 13.42 -13.06
C GLN B 83 -14.80 14.15 -11.81
N GLY B 84 -13.49 14.29 -11.64
CA GLY B 84 -12.90 15.14 -10.62
C GLY B 84 -12.37 16.45 -11.17
N GLY B 85 -11.05 16.66 -11.07
CA GLY B 85 -10.37 17.84 -11.61
C GLY B 85 -10.23 17.88 -13.12
N ASN B 86 -10.57 16.79 -13.81
CA ASN B 86 -10.45 16.65 -15.26
C ASN B 86 -9.02 16.93 -15.74
N THR B 87 -8.02 16.47 -14.98
CA THR B 87 -6.61 16.55 -15.38
C THR B 87 -6.07 15.21 -15.86
N GLY B 88 -6.90 14.18 -15.88
CA GLY B 88 -6.46 12.88 -16.35
C GLY B 88 -5.93 12.93 -17.77
N MET B 89 -5.00 12.01 -18.06
CA MET B 89 -4.23 12.01 -19.29
C MET B 89 -4.64 10.91 -20.26
N VAL B 90 -5.63 10.08 -19.92
CA VAL B 90 -5.91 8.89 -20.71
C VAL B 90 -7.36 8.84 -21.17
N GLY B 91 -8.03 9.99 -21.25
CA GLY B 91 -9.41 10.00 -21.71
C GLY B 91 -10.43 9.39 -20.76
N GLY B 92 -10.04 9.06 -19.54
CA GLY B 92 -11.00 8.47 -18.61
C GLY B 92 -11.99 9.45 -18.03
N SER B 93 -11.73 10.74 -18.16
CA SER B 93 -12.42 11.74 -17.38
C SER B 93 -13.60 12.37 -18.09
N VAL B 94 -13.76 12.14 -19.39
CA VAL B 94 -14.84 12.77 -20.15
C VAL B 94 -15.64 11.67 -20.83
N PRO B 95 -16.90 11.94 -21.17
CA PRO B 95 -17.73 10.93 -21.84
C PRO B 95 -17.27 10.59 -23.25
N VAL B 96 -17.65 9.40 -23.68
CA VAL B 96 -17.45 9.00 -25.07
C VAL B 96 -18.65 9.40 -25.92
N PHE B 97 -19.85 9.09 -25.43
CA PHE B 97 -21.09 9.51 -26.04
C PHE B 97 -21.80 10.47 -25.11
N ASP B 98 -22.94 10.08 -24.52
CA ASP B 98 -23.80 10.99 -23.78
C ASP B 98 -23.94 10.58 -22.31
N GLU B 99 -22.88 10.01 -21.73
CA GLU B 99 -22.87 9.64 -20.32
C GLU B 99 -23.05 10.89 -19.46
N ILE B 100 -23.81 10.75 -18.37
CA ILE B 100 -23.99 11.83 -17.42
C ILE B 100 -22.67 12.11 -16.73
N ILE B 101 -22.26 13.38 -16.70
CA ILE B 101 -21.05 13.78 -16.00
C ILE B 101 -21.40 14.06 -14.55
N LEU B 102 -20.87 13.25 -13.65
CA LEU B 102 -21.01 13.41 -12.20
C LEU B 102 -19.74 14.02 -11.60
N SER B 103 -19.80 15.32 -11.28
CA SER B 103 -18.63 16.06 -10.84
C SER B 103 -18.61 16.12 -9.32
N THR B 104 -17.41 15.97 -8.75
CA THR B 104 -17.20 16.11 -7.31
C THR B 104 -16.79 17.53 -6.91
N ALA B 105 -16.83 18.49 -7.84
CA ALA B 105 -16.40 19.85 -7.56
C ALA B 105 -16.98 20.43 -6.29
N ARG B 106 -18.23 20.10 -5.95
CA ARG B 106 -18.82 20.71 -4.76
C ARG B 106 -18.79 19.79 -3.54
N MET B 107 -18.11 18.65 -3.64
CA MET B 107 -17.87 17.78 -2.48
C MET B 107 -16.46 18.08 -2.00
N ASN B 108 -16.31 19.26 -1.41
CA ASN B 108 -14.99 19.82 -1.20
C ASN B 108 -14.74 20.21 0.26
N ARG B 109 -15.33 19.46 1.20
CA ARG B 109 -15.19 19.74 2.61
C ARG B 109 -14.18 18.82 3.28
N VAL B 110 -13.44 19.36 4.23
CA VAL B 110 -12.61 18.56 5.12
C VAL B 110 -13.49 18.17 6.30
N LEU B 111 -13.54 16.88 6.60
CA LEU B 111 -14.33 16.40 7.73
C LEU B 111 -13.60 16.52 9.06
N SER B 112 -12.35 16.08 9.10
CA SER B 112 -11.59 16.11 10.34
C SER B 112 -10.10 15.96 10.03
N PHE B 113 -9.28 16.44 10.97
CA PHE B 113 -7.84 16.26 10.92
C PHE B 113 -7.30 16.08 12.32
N HIS B 114 -6.59 14.99 12.57
CA HIS B 114 -6.03 14.69 13.89
C HIS B 114 -4.59 15.15 13.92
N SER B 115 -4.31 16.15 14.76
CA SER B 115 -3.00 16.82 14.73
C SER B 115 -1.90 16.00 15.38
N VAL B 116 -2.18 14.80 15.83
CA VAL B 116 -1.15 13.92 16.36
C VAL B 116 -0.90 12.75 15.44
N SER B 117 -1.94 12.01 15.09
CA SER B 117 -1.76 10.91 14.16
C SER B 117 -1.47 11.37 12.74
N GLY B 118 -1.88 12.59 12.39
CA GLY B 118 -1.72 13.10 11.05
C GLY B 118 -2.70 12.53 10.04
N ILE B 119 -3.82 11.99 10.50
CA ILE B 119 -4.83 11.39 9.65
C ILE B 119 -5.85 12.44 9.20
N LEU B 120 -5.97 12.61 7.88
CA LEU B 120 -6.92 13.51 7.24
C LEU B 120 -8.12 12.73 6.72
N VAL B 121 -9.32 13.28 6.94
CA VAL B 121 -10.54 12.76 6.33
C VAL B 121 -11.24 13.91 5.61
N CYS B 122 -11.53 13.70 4.33
CA CYS B 122 -12.06 14.79 3.52
C CYS B 122 -12.89 14.23 2.35
N GLN B 123 -13.74 15.09 1.80
CA GLN B 123 -14.52 14.70 0.63
C GLN B 123 -13.64 14.56 -0.62
N ALA B 124 -14.08 13.70 -1.55
CA ALA B 124 -13.31 13.36 -2.75
C ALA B 124 -12.95 14.56 -3.62
N GLY B 125 -13.78 15.60 -3.63
CA GLY B 125 -13.54 16.74 -4.50
C GLY B 125 -12.65 17.82 -3.95
N CYS B 126 -12.06 17.61 -2.79
CA CYS B 126 -11.05 18.53 -2.29
C CYS B 126 -9.85 18.58 -3.21
N VAL B 127 -9.43 19.80 -3.56
CA VAL B 127 -8.32 20.02 -4.48
C VAL B 127 -7.00 19.77 -3.75
N LEU B 128 -6.11 18.99 -4.39
CA LEU B 128 -4.86 18.57 -3.77
C LEU B 128 -4.07 19.75 -3.19
N GLU B 129 -3.91 20.82 -3.98
CA GLU B 129 -3.12 21.95 -3.50
C GLU B 129 -3.76 22.59 -2.27
N GLU B 130 -5.09 22.59 -2.25
CA GLU B 130 -5.83 23.16 -1.13
C GLU B 130 -5.71 22.28 0.11
N LEU B 131 -5.72 20.96 -0.07
CA LEU B 131 -5.46 20.07 1.05
C LEU B 131 -4.05 20.26 1.58
N SER B 132 -3.09 20.48 0.66
CA SER B 132 -1.72 20.75 1.09
C SER B 132 -1.67 22.03 1.93
N ARG B 133 -2.33 23.09 1.47
CA ARG B 133 -2.35 24.31 2.28
C ARG B 133 -2.97 24.05 3.65
N TYR B 134 -4.04 23.27 3.69
CA TYR B 134 -4.73 23.00 4.95
C TYR B 134 -3.84 22.25 5.94
N VAL B 135 -3.23 21.15 5.50
CA VAL B 135 -2.40 20.38 6.44
C VAL B 135 -1.08 21.09 6.73
N GLU B 136 -0.51 21.79 5.76
CA GLU B 136 0.74 22.50 6.00
C GLU B 136 0.57 23.60 7.04
N GLU B 137 -0.57 24.28 7.04
CA GLU B 137 -0.85 25.19 8.16
C GLU B 137 -0.71 24.48 9.51
N ARG B 138 -0.96 23.18 9.56
CA ARG B 138 -0.80 22.39 10.78
C ARG B 138 0.49 21.57 10.80
N ASP B 139 1.47 21.89 9.94
CA ASP B 139 2.77 21.20 9.94
C ASP B 139 2.68 19.73 9.55
N PHE B 140 1.80 19.42 8.61
CA PHE B 140 1.83 18.13 7.96
C PHE B 140 1.89 18.38 6.45
N ILE B 141 2.12 17.33 5.68
CA ILE B 141 2.07 17.43 4.22
C ILE B 141 1.24 16.28 3.67
N MET B 142 0.76 16.46 2.44
CA MET B 142 0.12 15.37 1.72
C MET B 142 1.18 14.36 1.28
N PRO B 143 0.88 13.06 1.33
CA PRO B 143 1.87 12.05 0.92
C PRO B 143 2.14 12.00 -0.57
N LEU B 144 1.44 12.79 -1.38
CA LEU B 144 1.68 12.83 -2.81
C LEU B 144 1.62 14.25 -3.30
N ASP B 145 2.32 14.50 -4.39
CA ASP B 145 2.27 15.79 -5.04
C ASP B 145 2.45 15.58 -6.54
N LEU B 146 1.84 16.45 -7.33
CA LEU B 146 1.99 16.37 -8.77
C LEU B 146 1.69 17.72 -9.39
N GLY B 147 2.18 17.89 -10.63
CA GLY B 147 2.01 19.14 -11.35
C GLY B 147 0.57 19.60 -11.48
N ALA B 148 -0.38 18.67 -11.43
CA ALA B 148 -1.81 19.00 -11.49
C ALA B 148 -2.40 19.46 -10.14
N LYS B 149 -1.57 19.60 -9.10
CA LYS B 149 -2.06 19.89 -7.74
C LYS B 149 -3.11 21.00 -7.71
N GLY B 150 -2.96 22.01 -8.57
CA GLY B 150 -3.91 23.10 -8.56
C GLY B 150 -5.32 22.71 -8.98
N SER B 151 -5.50 21.58 -9.65
CA SER B 151 -6.83 21.22 -10.15
C SER B 151 -7.31 19.83 -9.76
N CYS B 152 -6.41 18.88 -9.57
CA CYS B 152 -6.83 17.51 -9.35
C CYS B 152 -7.48 17.35 -7.98
N HIS B 153 -8.43 16.44 -7.90
CA HIS B 153 -9.16 16.11 -6.69
C HIS B 153 -8.56 14.89 -6.03
N ILE B 154 -8.62 14.87 -4.69
CA ILE B 154 -8.13 13.72 -3.95
C ILE B 154 -8.85 12.44 -4.41
N GLY B 155 -10.15 12.55 -4.71
CA GLY B 155 -10.87 11.41 -5.23
C GLY B 155 -10.36 10.93 -6.57
N GLY B 156 -10.02 11.87 -7.46
CA GLY B 156 -9.35 11.51 -8.72
C GLY B 156 -8.01 10.82 -8.50
N ASN B 157 -7.20 11.37 -7.59
CA ASN B 157 -5.91 10.78 -7.26
C ASN B 157 -6.06 9.34 -6.78
N VAL B 158 -7.02 9.09 -5.89
CA VAL B 158 -7.26 7.72 -5.44
C VAL B 158 -7.75 6.84 -6.59
N ALA B 159 -8.67 7.33 -7.41
CA ALA B 159 -9.22 6.52 -8.49
C ALA B 159 -8.17 6.15 -9.53
N THR B 160 -7.24 7.06 -9.81
CA THR B 160 -6.18 6.79 -10.76
C THR B 160 -4.94 6.18 -10.12
N ASN B 161 -4.89 6.09 -8.79
CA ASN B 161 -3.67 5.69 -8.06
C ASN B 161 -2.47 6.55 -8.48
N ALA B 162 -2.63 7.86 -8.38
CA ALA B 162 -1.61 8.81 -8.83
C ALA B 162 -0.27 8.59 -8.15
N GLY B 163 0.80 8.70 -8.93
CA GLY B 163 2.15 8.60 -8.39
C GLY B 163 2.69 9.95 -7.94
N GLY B 164 3.52 10.59 -8.75
CA GLY B 164 3.94 11.95 -8.49
C GLY B 164 5.35 12.10 -7.91
N LEU B 165 5.60 13.32 -7.43
CA LEU B 165 6.94 13.83 -7.21
C LEU B 165 7.57 13.41 -5.88
N ARG B 166 6.79 12.86 -4.95
CA ARG B 166 7.33 12.44 -3.67
C ARG B 166 7.03 10.98 -3.39
N PHE B 167 6.68 10.23 -4.45
CA PHE B 167 6.38 8.81 -4.37
C PHE B 167 7.58 8.04 -3.84
N LEU B 168 8.76 8.40 -4.32
CA LEU B 168 10.01 7.79 -3.88
C LEU B 168 10.17 7.79 -2.36
N ARG B 169 9.63 8.80 -1.68
CA ARG B 169 9.75 8.89 -0.24
C ARG B 169 8.56 8.31 0.51
N TYR B 170 7.34 8.65 0.10
CA TYR B 170 6.13 8.28 0.84
C TYR B 170 5.35 7.12 0.23
N GLY B 171 5.69 6.69 -0.99
CA GLY B 171 5.06 5.52 -1.56
C GLY B 171 3.66 5.69 -2.14
N SER B 172 3.07 4.53 -2.40
CA SER B 172 1.81 4.42 -3.11
C SER B 172 0.63 4.87 -2.24
N LEU B 173 -0.44 5.33 -2.91
CA LEU B 173 -1.73 5.53 -2.27
C LEU B 173 -2.30 4.23 -1.73
N HIS B 174 -1.93 3.09 -2.34
CA HIS B 174 -2.30 1.80 -1.78
C HIS B 174 -1.78 1.65 -0.36
N GLY B 175 -0.71 2.36 0.00
CA GLY B 175 -0.25 2.41 1.37
C GLY B 175 -0.74 3.55 2.23
N THR B 176 -0.90 4.75 1.67
CA THR B 176 -1.19 5.93 2.48
C THR B 176 -2.67 6.20 2.67
N VAL B 177 -3.52 5.67 1.80
CA VAL B 177 -4.96 5.79 2.01
C VAL B 177 -5.34 4.83 3.12
N LEU B 178 -5.93 5.36 4.19
CA LEU B 178 -6.37 4.52 5.29
C LEU B 178 -7.80 4.03 5.12
N GLY B 179 -8.63 4.77 4.39
CA GLY B 179 -10.01 4.35 4.24
C GLY B 179 -10.72 5.12 3.16
N LEU B 180 -11.82 4.53 2.67
CA LEU B 180 -12.65 5.13 1.63
C LEU B 180 -14.13 4.92 1.92
N GLU B 181 -14.93 5.94 1.62
CA GLU B 181 -16.36 5.78 1.40
C GLU B 181 -16.60 5.81 -0.10
N VAL B 182 -17.31 4.81 -0.59
CA VAL B 182 -17.52 4.59 -2.02
C VAL B 182 -19.01 4.33 -2.27
N VAL B 183 -19.58 4.99 -3.27
CA VAL B 183 -20.95 4.67 -3.66
C VAL B 183 -20.89 3.73 -4.86
N LEU B 184 -21.54 2.59 -4.73
CA LEU B 184 -21.56 1.60 -5.80
C LEU B 184 -22.62 1.97 -6.84
N ALA B 185 -22.56 1.26 -7.98
CA ALA B 185 -23.38 1.59 -9.15
C ALA B 185 -24.87 1.59 -8.84
N ASP B 186 -25.33 0.67 -7.98
CA ASP B 186 -26.74 0.67 -7.60
C ASP B 186 -27.08 1.67 -6.50
N GLY B 187 -26.12 2.49 -6.07
CA GLY B 187 -26.34 3.49 -5.05
C GLY B 187 -26.03 3.04 -3.63
N THR B 188 -25.63 1.78 -3.44
CA THR B 188 -25.16 1.30 -2.15
C THR B 188 -23.95 2.07 -1.64
N VAL B 189 -24.04 2.56 -0.40
CA VAL B 189 -22.93 3.26 0.23
C VAL B 189 -22.05 2.23 0.94
N LEU B 190 -20.85 2.00 0.42
CA LEU B 190 -19.86 1.12 1.02
C LEU B 190 -18.97 1.92 1.95
N ASP B 191 -19.07 1.64 3.24
CA ASP B 191 -18.29 2.34 4.28
C ASP B 191 -17.04 1.51 4.59
N CYS B 192 -15.92 1.85 3.97
CA CYS B 192 -14.62 1.31 4.35
C CYS B 192 -13.76 2.43 4.90
N LEU B 193 -14.39 3.39 5.57
CA LEU B 193 -13.72 4.63 5.98
C LEU B 193 -13.12 4.46 7.39
N THR B 194 -12.13 3.58 7.45
CA THR B 194 -11.49 3.22 8.71
C THR B 194 -10.30 4.15 8.93
N SER B 195 -10.52 5.30 9.56
CA SER B 195 -9.37 6.19 9.74
C SER B 195 -8.42 5.68 10.82
N LEU B 196 -7.88 4.45 10.63
CA LEU B 196 -6.95 3.79 11.52
C LEU B 196 -5.70 3.38 10.75
N ARG B 197 -4.54 3.52 11.38
CA ARG B 197 -3.28 3.13 10.74
C ARG B 197 -3.25 1.63 10.40
N LYS B 198 -3.77 0.79 11.29
CA LYS B 198 -3.76 -0.66 11.10
C LYS B 198 -5.14 -1.24 11.44
N ASP B 199 -5.56 -2.20 10.62
CA ASP B 199 -6.87 -2.84 10.74
C ASP B 199 -6.98 -4.06 9.84
N ASN B 200 -6.77 -5.25 10.38
CA ASN B 200 -6.88 -6.48 9.60
C ASN B 200 -8.19 -7.19 9.92
N THR B 201 -9.30 -6.48 9.77
CA THR B 201 -10.61 -7.05 10.03
C THR B 201 -11.33 -7.36 8.71
N GLY B 202 -10.83 -8.39 8.05
CA GLY B 202 -11.40 -8.89 6.79
C GLY B 202 -10.64 -8.37 5.60
N TYR B 203 -11.25 -8.55 4.43
CA TYR B 203 -10.60 -8.18 3.18
C TYR B 203 -10.44 -6.67 3.10
N ASP B 204 -9.32 -6.25 2.50
CA ASP B 204 -9.02 -4.84 2.35
C ASP B 204 -9.75 -4.30 1.10
N LEU B 205 -11.08 -4.14 1.25
CA LEU B 205 -11.93 -3.82 0.10
C LEU B 205 -11.55 -2.51 -0.57
N LYS B 206 -11.09 -1.52 0.21
CA LYS B 206 -10.75 -0.23 -0.37
C LYS B 206 -9.70 -0.35 -1.45
N GLN B 207 -8.81 -1.34 -1.33
CA GLN B 207 -7.76 -1.50 -2.32
C GLN B 207 -8.33 -1.67 -3.72
N LEU B 208 -9.50 -2.31 -3.82
CA LEU B 208 -10.12 -2.48 -5.11
C LEU B 208 -10.41 -1.17 -5.82
N PHE B 209 -10.69 -0.10 -5.07
CA PHE B 209 -11.08 1.16 -5.67
C PHE B 209 -9.91 2.09 -5.94
N ILE B 210 -8.72 1.76 -5.43
CA ILE B 210 -7.53 2.54 -5.71
C ILE B 210 -6.99 2.08 -7.06
N GLY B 211 -7.02 2.97 -8.05
CA GLY B 211 -6.60 2.63 -9.39
C GLY B 211 -7.70 2.05 -10.27
N SER B 212 -8.95 2.01 -9.80
CA SER B 212 -10.05 1.45 -10.58
C SER B 212 -10.75 2.48 -11.48
N GLU B 213 -10.37 3.74 -11.41
CA GLU B 213 -10.74 4.75 -12.41
C GLU B 213 -12.25 4.87 -12.62
N GLY B 214 -13.00 4.77 -11.53
CA GLY B 214 -14.43 4.96 -11.58
C GLY B 214 -15.22 3.90 -12.28
N THR B 215 -14.65 2.73 -12.54
CA THR B 215 -15.41 1.67 -13.17
C THR B 215 -16.06 0.73 -12.16
N LEU B 216 -15.68 0.80 -10.87
CA LEU B 216 -16.24 -0.06 -9.83
C LEU B 216 -17.03 0.71 -8.77
N GLY B 217 -16.92 2.02 -8.71
CA GLY B 217 -17.67 2.81 -7.77
C GLY B 217 -17.12 4.22 -7.74
N ILE B 218 -17.87 5.09 -7.10
CA ILE B 218 -17.50 6.50 -7.03
C ILE B 218 -17.02 6.77 -5.62
N ILE B 219 -15.76 7.21 -5.52
CA ILE B 219 -15.19 7.55 -4.22
C ILE B 219 -15.77 8.86 -3.76
N THR B 220 -16.34 8.88 -2.56
CA THR B 220 -16.93 10.10 -2.05
C THR B 220 -16.19 10.64 -0.84
N THR B 221 -15.56 9.79 -0.03
CA THR B 221 -14.80 10.31 1.11
C THR B 221 -13.50 9.54 1.23
N VAL B 222 -12.43 10.24 1.58
CA VAL B 222 -11.11 9.62 1.70
C VAL B 222 -10.52 9.91 3.09
N SER B 223 -9.94 8.88 3.69
CA SER B 223 -9.11 8.97 4.87
C SER B 223 -7.70 8.61 4.45
N ILE B 224 -6.76 9.53 4.70
CA ILE B 224 -5.40 9.46 4.19
C ILE B 224 -4.39 9.87 5.26
N LEU B 225 -3.27 9.12 5.32
CA LEU B 225 -2.17 9.38 6.25
C LEU B 225 -1.25 10.47 5.71
N CYS B 226 -1.12 11.57 6.46
CA CYS B 226 -0.32 12.73 6.04
C CYS B 226 1.02 12.73 6.73
N PRO B 227 2.15 12.68 6.02
CA PRO B 227 3.44 12.75 6.68
C PRO B 227 3.60 14.09 7.42
N PRO B 228 4.44 14.10 8.45
CA PRO B 228 4.76 15.37 9.10
C PRO B 228 5.53 16.27 8.14
N LYS B 229 5.38 17.59 8.33
CA LYS B 229 6.09 18.54 7.50
C LYS B 229 7.58 18.52 7.83
N PRO B 230 8.47 18.35 6.85
CA PRO B 230 9.90 18.29 7.17
C PRO B 230 10.40 19.63 7.68
N ARG B 231 11.29 19.57 8.67
CA ARG B 231 11.89 20.81 9.17
C ARG B 231 12.78 21.46 8.11
N ALA B 232 13.49 20.66 7.33
CA ALA B 232 14.44 21.19 6.37
C ALA B 232 14.21 20.55 5.01
N VAL B 233 14.08 21.40 4.00
CA VAL B 233 13.95 21.00 2.61
C VAL B 233 15.07 21.65 1.82
N ASN B 234 15.81 20.84 1.07
CA ASN B 234 16.84 21.33 0.15
C ASN B 234 16.52 20.88 -1.27
N VAL B 235 16.87 21.71 -2.25
CA VAL B 235 16.79 21.29 -3.64
C VAL B 235 18.13 21.56 -4.33
N ALA B 236 18.59 20.58 -5.10
CA ALA B 236 19.74 20.72 -5.99
C ALA B 236 19.33 20.50 -7.44
N PHE B 237 19.85 21.34 -8.32
CA PHE B 237 19.55 21.22 -9.74
C PHE B 237 20.88 21.12 -10.49
N LEU B 238 21.07 20.04 -11.22
CA LEU B 238 22.38 19.60 -11.70
C LEU B 238 22.31 19.28 -13.18
N GLY B 239 23.37 19.62 -13.90
CA GLY B 239 23.54 19.21 -15.28
C GLY B 239 24.46 18.01 -15.36
N CYS B 240 24.03 17.01 -16.14
CA CYS B 240 24.83 15.83 -16.37
C CYS B 240 25.18 15.70 -17.85
N PRO B 241 26.42 15.27 -18.14
CA PRO B 241 26.91 15.23 -19.52
C PRO B 241 26.43 14.02 -20.30
N GLY B 242 25.75 13.09 -19.65
CA GLY B 242 25.18 11.95 -20.35
C GLY B 242 24.29 11.19 -19.38
N PHE B 243 23.50 10.28 -19.96
CA PHE B 243 22.59 9.51 -19.12
C PHE B 243 23.31 8.56 -18.19
N ALA B 244 24.47 8.04 -18.59
CA ALA B 244 25.27 7.21 -17.70
C ALA B 244 25.63 7.98 -16.44
N GLU B 245 26.02 9.23 -16.61
CA GLU B 245 26.33 10.05 -15.44
C GLU B 245 25.07 10.32 -14.62
N VAL B 246 23.90 10.46 -15.26
CA VAL B 246 22.64 10.57 -14.54
C VAL B 246 22.44 9.36 -13.64
N LEU B 247 22.62 8.17 -14.21
CA LEU B 247 22.43 6.95 -13.44
C LEU B 247 23.42 6.85 -12.28
N GLN B 248 24.69 7.19 -12.52
CA GLN B 248 25.65 7.20 -11.43
C GLN B 248 25.36 8.31 -10.43
N THR B 249 24.82 9.44 -10.87
CA THR B 249 24.40 10.48 -9.93
C THR B 249 23.30 9.98 -9.03
N PHE B 250 22.38 9.20 -9.59
CA PHE B 250 21.33 8.58 -8.80
C PHE B 250 21.91 7.62 -7.76
N SER B 251 22.73 6.68 -8.20
CA SER B 251 23.41 5.76 -7.29
C SER B 251 24.16 6.48 -6.17
N THR B 252 24.98 7.47 -6.53
CA THR B 252 25.72 8.22 -5.52
C THR B 252 24.77 8.92 -4.58
N CYS B 253 23.69 9.48 -5.12
CA CYS B 253 22.70 10.17 -4.34
C CYS B 253 22.05 9.27 -3.30
N LYS B 254 21.64 8.06 -3.70
CA LYS B 254 21.11 7.12 -2.73
C LYS B 254 22.15 6.74 -1.69
N GLY B 255 23.40 6.54 -2.10
CA GLY B 255 24.42 6.15 -1.16
C GLY B 255 24.80 7.20 -0.14
N MET B 256 24.73 8.48 -0.52
CA MET B 256 25.22 9.52 0.37
C MET B 256 24.13 10.35 1.03
N LEU B 257 22.97 10.47 0.41
CA LEU B 257 21.88 11.20 1.03
C LEU B 257 20.95 10.27 1.79
N GLY B 258 20.72 9.08 1.25
CA GLY B 258 19.96 8.07 1.95
C GLY B 258 18.55 8.47 2.34
N GLU B 259 18.22 8.28 3.62
CA GLU B 259 16.85 8.43 4.10
C GLU B 259 16.29 9.84 3.96
N ILE B 260 17.10 10.88 3.80
CA ILE B 260 16.55 12.22 3.63
C ILE B 260 16.13 12.53 2.20
N LEU B 261 16.46 11.67 1.22
CA LEU B 261 16.03 11.89 -0.15
C LEU B 261 14.51 11.89 -0.25
N SER B 262 13.95 12.96 -0.82
CA SER B 262 12.51 13.01 -1.04
C SER B 262 12.10 13.15 -2.50
N ALA B 263 13.01 13.49 -3.42
CA ALA B 263 12.64 13.45 -4.83
C ALA B 263 13.89 13.33 -5.69
N PHE B 264 13.75 12.60 -6.80
CA PHE B 264 14.78 12.54 -7.85
C PHE B 264 14.11 12.54 -9.21
N GLU B 265 14.27 13.63 -9.95
CA GLU B 265 13.62 13.82 -11.25
C GLU B 265 14.69 14.13 -12.29
N PHE B 266 14.50 13.62 -13.52
CA PHE B 266 15.36 14.03 -14.61
C PHE B 266 14.56 14.65 -15.75
N MET B 267 15.26 15.41 -16.58
CA MET B 267 14.71 15.95 -17.81
C MET B 267 15.86 16.14 -18.76
N ASP B 268 15.58 16.14 -20.05
CA ASP B 268 16.65 16.28 -21.04
C ASP B 268 16.75 17.72 -21.54
N ALA B 269 17.77 17.95 -22.37
CA ALA B 269 18.02 19.30 -22.89
C ALA B 269 16.80 19.86 -23.61
N VAL B 270 16.10 19.04 -24.40
CA VAL B 270 14.94 19.55 -25.14
C VAL B 270 13.83 20.02 -24.20
N CYS B 271 13.55 19.27 -23.12
CA CYS B 271 12.60 19.75 -22.10
C CYS B 271 12.97 21.14 -21.60
N MET B 272 14.24 21.32 -21.25
CA MET B 272 14.69 22.62 -20.73
C MET B 272 14.48 23.69 -21.78
N GLN B 273 14.78 23.39 -23.05
CA GLN B 273 14.60 24.36 -24.11
C GLN B 273 13.14 24.75 -24.26
N LEU B 274 12.24 23.76 -24.17
CA LEU B 274 10.81 24.05 -24.33
C LEU B 274 10.24 24.85 -23.15
N VAL B 275 10.63 24.49 -21.92
CA VAL B 275 10.18 25.25 -20.75
C VAL B 275 10.66 26.70 -20.82
N GLY B 276 11.91 26.91 -21.26
CA GLY B 276 12.39 28.26 -21.49
C GLY B 276 11.64 28.98 -22.59
N ARG B 277 11.35 28.28 -23.69
CA ARG B 277 10.76 28.93 -24.86
C ARG B 277 9.29 29.29 -24.63
N HIS B 278 8.53 28.44 -23.96
CA HIS B 278 7.11 28.71 -23.82
C HIS B 278 6.76 29.41 -22.52
N LEU B 279 7.47 29.13 -21.43
CA LEU B 279 7.19 29.77 -20.14
C LEU B 279 8.28 30.75 -19.71
N HIS B 280 9.30 30.95 -20.55
CA HIS B 280 10.31 31.99 -20.33
C HIS B 280 11.05 31.83 -19.01
N LEU B 281 11.33 30.59 -18.65
CA LEU B 281 12.07 30.25 -17.44
C LEU B 281 13.52 29.96 -17.84
N ALA B 282 14.44 30.85 -17.44
CA ALA B 282 15.86 30.70 -17.76
C ALA B 282 16.51 29.56 -16.97
N SER B 283 17.49 28.87 -17.61
CA SER B 283 18.18 27.76 -16.93
C SER B 283 19.23 28.33 -15.96
N PRO B 284 19.26 27.86 -14.72
CA PRO B 284 20.23 28.37 -13.74
C PRO B 284 21.58 27.66 -13.75
N VAL B 285 21.79 26.68 -14.61
CA VAL B 285 23.04 25.97 -14.73
C VAL B 285 23.49 26.01 -16.18
N GLN B 286 24.75 25.67 -16.41
CA GLN B 286 25.28 25.61 -17.77
C GLN B 286 24.50 24.63 -18.64
N GLU B 287 24.48 24.90 -19.95
CA GLU B 287 23.73 23.96 -20.82
C GLU B 287 24.35 22.58 -20.78
N SER B 288 23.48 21.60 -20.62
CA SER B 288 23.86 20.21 -20.46
C SER B 288 22.84 19.37 -21.20
N PRO B 289 23.21 18.15 -21.61
CA PRO B 289 22.23 17.28 -22.27
C PRO B 289 21.23 16.66 -21.31
N PHE B 290 21.52 16.63 -20.02
CA PHE B 290 20.54 16.12 -19.07
C PHE B 290 20.57 17.01 -17.83
N TYR B 291 19.42 17.09 -17.18
CA TYR B 291 19.31 17.80 -15.91
C TYR B 291 18.63 16.89 -14.91
N VAL B 292 18.94 17.13 -13.65
CA VAL B 292 18.46 16.34 -12.53
C VAL B 292 18.05 17.30 -11.43
N LEU B 293 16.85 17.11 -10.91
CA LEU B 293 16.38 17.83 -9.73
C LEU B 293 16.32 16.83 -8.57
N ILE B 294 16.99 17.15 -7.48
CA ILE B 294 17.02 16.33 -6.28
C ILE B 294 16.42 17.17 -5.17
N GLU B 295 15.49 16.58 -4.42
CA GLU B 295 14.96 17.19 -3.21
C GLU B 295 15.30 16.32 -2.02
N THR B 296 15.65 16.97 -0.91
CA THR B 296 15.77 16.30 0.36
C THR B 296 14.85 16.94 1.39
N SER B 297 14.43 16.09 2.31
CA SER B 297 13.47 16.41 3.38
C SER B 297 13.98 15.76 4.65
N GLY B 298 14.24 16.55 5.68
CA GLY B 298 14.73 15.93 6.91
C GLY B 298 14.47 16.77 8.15
N SER B 299 14.82 16.15 9.28
CA SER B 299 14.54 16.72 10.60
C SER B 299 15.59 17.71 11.07
N ASN B 300 16.82 17.59 10.60
CA ASN B 300 17.94 18.40 11.05
C ASN B 300 18.59 19.12 9.86
N ALA B 301 18.40 20.44 9.81
CA ALA B 301 18.98 21.23 8.71
C ALA B 301 20.48 21.01 8.56
N GLY B 302 21.22 21.19 9.66
CA GLY B 302 22.66 20.99 9.66
C GLY B 302 23.11 19.64 9.12
N HIS B 303 22.48 18.56 9.58
CA HIS B 303 22.87 17.24 9.09
C HIS B 303 22.57 17.07 7.61
N ASP B 304 21.39 17.51 7.18
CA ASP B 304 21.05 17.41 5.78
C ASP B 304 22.02 18.22 4.93
N ALA B 305 22.41 19.40 5.43
CA ALA B 305 23.38 20.22 4.72
C ALA B 305 24.72 19.51 4.59
N GLU B 306 25.19 18.85 5.65
CA GLU B 306 26.42 18.09 5.55
C GLU B 306 26.31 16.95 4.53
N LYS B 307 25.22 16.19 4.60
CA LYS B 307 25.03 15.13 3.61
C LYS B 307 25.05 15.65 2.19
N LEU B 308 24.27 16.70 1.93
CA LEU B 308 24.21 17.28 0.58
C LEU B 308 25.54 17.85 0.14
N GLY B 309 26.22 18.61 1.02
CA GLY B 309 27.53 19.15 0.68
C GLY B 309 28.53 18.10 0.25
N HIS B 310 28.63 17.01 1.03
CA HIS B 310 29.55 15.94 0.66
C HIS B 310 29.10 15.28 -0.63
N PHE B 311 27.78 15.08 -0.80
CA PHE B 311 27.28 14.50 -2.04
C PHE B 311 27.69 15.34 -3.24
N LEU B 312 27.52 16.66 -3.17
CA LEU B 312 27.86 17.51 -4.30
C LEU B 312 29.36 17.51 -4.59
N GLU B 313 30.18 17.75 -3.55
CA GLU B 313 31.62 17.59 -3.69
C GLU B 313 31.99 16.30 -4.44
N HIS B 314 31.49 15.16 -4.00
CA HIS B 314 31.86 13.90 -4.67
C HIS B 314 31.31 13.80 -6.09
N ALA B 315 30.06 14.21 -6.33
CA ALA B 315 29.50 14.18 -7.68
C ALA B 315 30.29 15.03 -8.67
N LEU B 316 30.56 16.28 -8.30
CA LEU B 316 31.39 17.14 -9.16
C LEU B 316 32.79 16.58 -9.29
N GLY B 317 33.32 16.03 -8.20
CA GLY B 317 34.68 15.51 -8.23
C GLY B 317 34.88 14.41 -9.26
N SER B 318 33.99 13.42 -9.29
CA SER B 318 34.15 12.31 -10.21
C SER B 318 33.55 12.62 -11.56
N GLY B 319 33.18 13.88 -11.81
CA GLY B 319 32.71 14.27 -13.11
C GLY B 319 31.33 13.80 -13.48
N LEU B 320 30.53 13.34 -12.52
CA LEU B 320 29.17 12.94 -12.83
C LEU B 320 28.30 14.15 -13.18
N VAL B 321 28.60 15.29 -12.55
CA VAL B 321 27.85 16.54 -12.72
C VAL B 321 28.82 17.59 -13.24
N THR B 322 28.41 18.33 -14.26
CA THR B 322 29.25 19.38 -14.81
C THR B 322 29.00 20.75 -14.16
N ASP B 323 27.75 21.07 -13.82
CA ASP B 323 27.40 22.29 -13.10
C ASP B 323 26.18 22.02 -12.21
N GLY B 324 26.08 22.75 -11.10
CA GLY B 324 25.01 22.52 -10.16
C GLY B 324 24.71 23.76 -9.33
N THR B 325 23.47 23.84 -8.84
CA THR B 325 23.05 24.91 -7.94
C THR B 325 22.17 24.34 -6.83
N MET B 326 22.17 25.00 -5.68
CA MET B 326 21.46 24.54 -4.49
C MET B 326 20.61 25.67 -3.93
N ALA B 327 19.48 25.30 -3.33
CA ALA B 327 18.62 26.29 -2.70
C ALA B 327 17.94 25.70 -1.47
N THR B 328 17.77 26.57 -0.45
CA THR B 328 16.87 26.34 0.67
C THR B 328 15.76 27.37 0.79
N ASP B 329 15.95 28.57 0.27
CA ASP B 329 14.92 29.59 0.28
C ASP B 329 13.69 29.13 -0.48
N GLN B 330 12.52 29.18 0.20
CA GLN B 330 11.27 28.68 -0.36
C GLN B 330 11.01 29.20 -1.78
N ARG B 331 11.22 30.50 -2.00
CA ARG B 331 11.03 31.07 -3.34
C ARG B 331 11.94 30.41 -4.37
N LYS B 332 13.23 30.27 -4.06
CA LYS B 332 14.16 29.68 -5.02
C LYS B 332 13.89 28.19 -5.21
N VAL B 333 13.53 27.49 -4.13
CA VAL B 333 13.13 26.08 -4.22
C VAL B 333 11.99 25.92 -5.21
N LYS B 334 10.96 26.75 -5.06
CA LYS B 334 9.83 26.69 -5.99
C LYS B 334 10.23 27.04 -7.42
N MET B 335 11.10 28.04 -7.61
CA MET B 335 11.60 28.34 -8.95
C MET B 335 12.27 27.13 -9.59
N LEU B 336 13.12 26.42 -8.83
CA LEU B 336 13.75 25.22 -9.37
C LEU B 336 12.73 24.14 -9.69
N TRP B 337 11.79 23.90 -8.77
CA TRP B 337 10.73 22.93 -9.03
C TRP B 337 9.91 23.24 -10.28
N ALA B 338 9.67 24.53 -10.58
CA ALA B 338 8.88 24.88 -11.76
C ALA B 338 9.49 24.32 -13.06
N LEU B 339 10.82 24.24 -13.14
CA LEU B 339 11.48 23.75 -14.34
C LEU B 339 11.09 22.32 -14.65
N ARG B 340 10.84 21.52 -13.61
CA ARG B 340 10.36 20.15 -13.78
C ARG B 340 8.84 20.06 -13.88
N GLU B 341 8.12 20.76 -12.99
CA GLU B 341 6.66 20.61 -12.93
C GLU B 341 5.96 21.06 -14.21
N ARG B 342 6.46 22.09 -14.88
CA ARG B 342 5.75 22.68 -16.01
C ARG B 342 6.14 22.13 -17.38
N ILE B 343 6.92 21.04 -17.44
CA ILE B 343 7.28 20.48 -18.74
C ILE B 343 6.02 20.05 -19.50
N THR B 344 5.08 19.41 -18.81
CA THR B 344 3.90 18.88 -19.47
C THR B 344 3.06 19.98 -20.13
N GLU B 345 2.95 21.12 -19.45
CA GLU B 345 2.27 22.28 -20.01
C GLU B 345 3.02 22.78 -21.25
N ALA B 346 4.35 22.89 -21.16
CA ALA B 346 5.13 23.36 -22.29
C ALA B 346 4.97 22.44 -23.50
N LEU B 347 4.91 21.13 -23.25
CA LEU B 347 4.68 20.18 -24.33
C LEU B 347 3.35 20.43 -25.02
N SER B 348 2.28 20.60 -24.24
CA SER B 348 1.00 20.79 -24.91
C SER B 348 0.92 22.12 -25.63
N ARG B 349 1.71 23.12 -25.20
CA ARG B 349 1.84 24.34 -26.00
C ARG B 349 2.71 24.18 -27.23
N ASP B 350 3.57 23.16 -27.30
CA ASP B 350 4.47 23.03 -28.44
C ASP B 350 3.78 22.45 -29.67
N GLY B 351 2.69 21.72 -29.49
CA GLY B 351 1.97 21.18 -30.63
C GLY B 351 1.11 20.02 -30.20
N TYR B 352 0.84 19.16 -31.17
CA TYR B 352 0.16 17.92 -30.86
C TYR B 352 1.14 17.00 -30.14
N VAL B 353 0.64 16.36 -29.08
CA VAL B 353 1.46 15.56 -28.18
C VAL B 353 1.03 14.10 -28.27
N TYR B 354 1.99 13.24 -28.60
CA TYR B 354 1.88 11.79 -28.45
C TYR B 354 2.54 11.48 -27.12
N LYS B 355 1.78 10.88 -26.20
CA LYS B 355 2.19 10.76 -24.81
C LYS B 355 2.29 9.30 -24.41
N TYR B 356 3.39 8.94 -23.78
CA TYR B 356 3.63 7.59 -23.27
C TYR B 356 4.17 7.66 -21.86
N ASP B 357 3.66 6.78 -21.00
CA ASP B 357 3.98 6.80 -19.58
C ASP B 357 4.44 5.39 -19.21
N LEU B 358 5.76 5.17 -19.14
CA LEU B 358 6.31 3.81 -19.16
C LEU B 358 7.14 3.53 -17.91
N SER B 359 7.02 2.31 -17.39
CA SER B 359 7.95 1.76 -16.40
C SER B 359 8.95 0.89 -17.14
N LEU B 360 10.23 1.15 -16.94
CA LEU B 360 11.30 0.42 -17.60
C LEU B 360 12.44 0.15 -16.63
N PRO B 361 13.32 -0.80 -16.93
CA PRO B 361 14.58 -0.91 -16.18
C PRO B 361 15.32 0.43 -16.20
N VAL B 362 15.63 0.95 -15.01
CA VAL B 362 16.18 2.30 -14.89
C VAL B 362 17.45 2.47 -15.74
N GLU B 363 18.30 1.45 -15.79
CA GLU B 363 19.49 1.53 -16.63
C GLU B 363 19.18 1.74 -18.10
N ARG B 364 17.97 1.42 -18.56
CA ARG B 364 17.63 1.54 -19.98
C ARG B 364 16.48 2.50 -20.19
N LEU B 365 16.28 3.40 -19.25
CA LEU B 365 15.10 4.26 -19.23
C LEU B 365 15.04 5.17 -20.44
N TYR B 366 16.20 5.67 -20.91
CA TYR B 366 16.25 6.67 -21.98
C TYR B 366 16.44 6.09 -23.38
N ASP B 367 16.73 4.79 -23.49
CA ASP B 367 16.99 4.17 -24.79
C ASP B 367 15.92 4.52 -25.82
N ILE B 368 14.64 4.37 -25.45
CA ILE B 368 13.53 4.61 -26.38
C ILE B 368 13.56 6.02 -26.95
N VAL B 369 14.04 7.02 -26.20
CA VAL B 369 14.07 8.40 -26.71
C VAL B 369 15.07 8.53 -27.85
N THR B 370 16.29 8.01 -27.65
CA THR B 370 17.28 7.98 -28.71
C THR B 370 16.72 7.24 -29.94
N ASP B 371 16.14 6.05 -29.69
CA ASP B 371 15.56 5.28 -30.78
C ASP B 371 14.54 6.11 -31.56
N LEU B 372 13.58 6.71 -30.86
CA LEU B 372 12.53 7.41 -31.58
C LEU B 372 13.05 8.64 -32.31
N ARG B 373 14.00 9.36 -31.72
CA ARG B 373 14.66 10.44 -32.46
C ARG B 373 15.26 9.95 -33.76
N ALA B 374 15.78 8.73 -33.79
CA ALA B 374 16.31 8.24 -35.07
C ALA B 374 15.20 7.74 -35.99
N ARG B 375 14.26 6.96 -35.47
CA ARG B 375 13.20 6.34 -36.27
C ARG B 375 12.31 7.40 -36.91
N LEU B 376 11.85 8.35 -36.11
CA LEU B 376 11.11 9.49 -36.62
C LEU B 376 12.12 10.49 -37.16
N GLY B 377 11.79 11.14 -38.26
CA GLY B 377 12.71 12.07 -38.84
C GLY B 377 12.35 13.49 -38.49
N PRO B 378 12.24 14.33 -39.51
CA PRO B 378 11.70 15.69 -39.34
C PRO B 378 10.19 15.71 -39.16
N HIS B 379 9.56 14.53 -39.20
CA HIS B 379 8.13 14.40 -38.91
C HIS B 379 7.79 14.71 -37.45
N ALA B 380 8.65 14.35 -36.50
CA ALA B 380 8.54 14.82 -35.12
C ALA B 380 9.10 16.23 -34.98
N LYS B 381 8.29 17.16 -34.48
CA LYS B 381 8.82 18.47 -34.12
C LYS B 381 9.83 18.37 -32.99
N HIS B 382 9.46 17.68 -31.90
CA HIS B 382 10.44 17.33 -30.88
C HIS B 382 10.13 15.97 -30.28
N VAL B 383 11.14 15.32 -29.73
CA VAL B 383 10.97 14.12 -28.91
C VAL B 383 11.64 14.38 -27.57
N VAL B 384 10.94 14.11 -26.47
CA VAL B 384 11.49 14.30 -25.14
C VAL B 384 11.25 13.08 -24.26
N GLY B 385 12.12 12.97 -23.27
CA GLY B 385 12.02 12.04 -22.16
C GLY B 385 12.29 12.75 -20.84
N TYR B 386 11.46 12.51 -19.84
CA TYR B 386 11.73 13.08 -18.51
C TYR B 386 10.98 12.24 -17.48
N GLY B 387 11.21 12.54 -16.20
CA GLY B 387 10.28 12.07 -15.19
C GLY B 387 10.90 11.37 -13.99
N HIS B 388 10.16 10.41 -13.43
CA HIS B 388 10.42 9.87 -12.08
C HIS B 388 11.42 8.72 -12.21
N LEU B 389 12.68 9.10 -12.42
CA LEU B 389 13.73 8.12 -12.67
C LEU B 389 13.95 7.22 -11.48
N GLY B 390 13.90 7.77 -10.27
CA GLY B 390 14.03 6.95 -9.08
C GLY B 390 13.04 5.82 -8.98
N ASP B 391 11.87 5.99 -9.59
CA ASP B 391 10.82 4.98 -9.60
C ASP B 391 10.76 4.21 -10.90
N GLY B 392 11.72 4.42 -11.80
CA GLY B 392 11.70 3.74 -13.08
C GLY B 392 10.65 4.22 -14.07
N ASN B 393 10.22 5.48 -13.96
CA ASN B 393 9.05 5.95 -14.70
C ASN B 393 9.52 7.02 -15.68
N LEU B 394 9.38 6.73 -16.97
CA LEU B 394 9.67 7.65 -18.06
C LEU B 394 8.38 8.26 -18.60
N HIS B 395 8.38 9.58 -18.78
CA HIS B 395 7.38 10.27 -19.57
C HIS B 395 8.00 10.56 -20.93
N LEU B 396 7.52 9.83 -21.94
CA LEU B 396 7.94 9.96 -23.33
C LEU B 396 6.94 10.81 -24.08
N ASN B 397 7.42 11.84 -24.74
CA ASN B 397 6.51 12.65 -25.51
C ASN B 397 7.09 12.97 -26.87
N VAL B 398 6.21 12.99 -27.87
CA VAL B 398 6.59 13.43 -29.21
C VAL B 398 5.65 14.56 -29.59
N THR B 399 6.20 15.69 -30.00
CA THR B 399 5.38 16.80 -30.43
C THR B 399 5.52 16.98 -31.94
N ALA B 400 4.45 17.49 -32.54
CA ALA B 400 4.41 17.80 -33.96
C ALA B 400 3.39 18.92 -34.20
N GLU B 401 3.50 19.58 -35.36
CA GLU B 401 2.57 20.66 -35.68
C GLU B 401 1.13 20.17 -35.70
N ALA B 402 0.91 18.94 -36.14
CA ALA B 402 -0.43 18.37 -36.15
C ALA B 402 -0.32 16.85 -36.04
N PHE B 403 -1.40 16.25 -35.57
CA PHE B 403 -1.53 14.79 -35.57
C PHE B 403 -1.34 14.25 -36.97
N SER B 404 -0.69 13.09 -37.05
CA SER B 404 -0.63 12.41 -38.32
C SER B 404 -0.76 10.90 -38.17
N PRO B 405 -1.51 10.26 -39.09
CA PRO B 405 -1.60 8.79 -39.05
C PRO B 405 -0.27 8.11 -39.24
N SER B 406 0.58 8.68 -40.10
CA SER B 406 1.91 8.14 -40.36
C SER B 406 2.77 8.12 -39.08
N LEU B 407 2.75 9.21 -38.32
CA LEU B 407 3.50 9.21 -37.07
C LEU B 407 2.93 8.21 -36.09
N LEU B 408 1.62 8.17 -35.95
CA LEU B 408 1.02 7.17 -35.09
C LEU B 408 1.46 5.77 -35.48
N ALA B 409 1.50 5.48 -36.78
CA ALA B 409 1.93 4.15 -37.21
C ALA B 409 3.39 3.87 -36.90
N ALA B 410 4.24 4.90 -36.96
CA ALA B 410 5.62 4.70 -36.53
C ALA B 410 5.74 4.48 -35.01
N LEU B 411 4.91 5.16 -34.22
CA LEU B 411 5.00 5.06 -32.76
C LEU B 411 4.38 3.78 -32.22
N GLU B 412 3.27 3.33 -32.80
CA GLU B 412 2.50 2.24 -32.27
C GLU B 412 2.33 1.17 -33.34
N PRO B 413 2.49 -0.11 -32.99
CA PRO B 413 2.69 -0.62 -31.63
C PRO B 413 4.15 -0.61 -31.18
N HIS B 414 5.03 0.01 -31.95
CA HIS B 414 6.46 -0.10 -31.68
C HIS B 414 6.84 0.22 -30.23
N VAL B 415 6.34 1.32 -29.68
CA VAL B 415 6.70 1.68 -28.30
C VAL B 415 6.20 0.63 -27.31
N TYR B 416 5.00 0.11 -27.54
CA TYR B 416 4.46 -0.91 -26.65
C TYR B 416 5.19 -2.24 -26.80
N GLU B 417 5.65 -2.56 -28.02
CA GLU B 417 6.39 -3.81 -28.17
C GLU B 417 7.76 -3.71 -27.51
N TRP B 418 8.46 -2.59 -27.72
CA TRP B 418 9.71 -2.34 -27.01
C TRP B 418 9.54 -2.53 -25.50
N THR B 419 8.48 -1.91 -24.96
CA THR B 419 8.25 -1.94 -23.52
C THR B 419 7.95 -3.35 -23.03
N ALA B 420 7.14 -4.10 -23.78
CA ALA B 420 6.90 -5.49 -23.42
C ALA B 420 8.21 -6.28 -23.46
N GLY B 421 9.03 -6.02 -24.48
CA GLY B 421 10.36 -6.60 -24.54
C GLY B 421 11.22 -6.34 -23.31
N GLN B 422 10.99 -5.23 -22.62
CA GLN B 422 11.73 -4.96 -21.40
C GLN B 422 10.96 -5.42 -20.16
N GLN B 423 9.87 -6.17 -20.34
CA GLN B 423 8.95 -6.52 -19.26
C GLN B 423 8.49 -5.30 -18.45
N GLY B 424 8.19 -4.21 -19.15
CA GLY B 424 7.79 -2.96 -18.52
C GLY B 424 6.27 -2.76 -18.47
N SER B 425 5.89 -1.63 -17.88
CA SER B 425 4.49 -1.21 -17.82
C SER B 425 4.23 -0.16 -18.90
N VAL B 426 3.23 -0.41 -19.75
CA VAL B 426 2.77 0.59 -20.71
C VAL B 426 1.94 1.73 -20.12
N SER B 427 1.60 1.69 -18.83
CA SER B 427 1.05 2.89 -18.16
C SER B 427 1.46 2.87 -16.67
N ALA B 428 2.58 3.52 -16.37
CA ALA B 428 3.13 3.45 -15.02
C ALA B 428 2.19 4.11 -14.00
N GLU B 429 1.71 5.31 -14.28
CA GLU B 429 0.92 6.02 -13.27
C GLU B 429 -0.38 6.62 -13.79
N HIS B 430 -0.40 7.13 -15.02
CA HIS B 430 -1.57 7.83 -15.55
C HIS B 430 -2.79 6.95 -15.69
N GLY B 431 -2.60 5.65 -15.80
CA GLY B 431 -3.71 4.73 -15.88
C GLY B 431 -4.11 4.39 -17.31
N VAL B 432 -5.31 3.82 -17.41
CA VAL B 432 -5.79 3.19 -18.64
C VAL B 432 -6.81 4.08 -19.33
N GLY B 433 -7.97 4.26 -18.68
CA GLY B 433 -9.04 5.08 -19.24
C GLY B 433 -9.50 4.61 -20.61
N PHE B 434 -9.84 5.57 -21.46
CA PHE B 434 -10.28 5.31 -22.83
C PHE B 434 -9.11 4.99 -23.75
N ARG B 435 -8.01 5.75 -23.63
CA ARG B 435 -6.92 5.71 -24.61
C ARG B 435 -6.20 4.35 -24.64
N LYS B 436 -5.92 3.74 -23.48
CA LYS B 436 -5.10 2.54 -23.38
C LYS B 436 -5.89 1.25 -23.11
N ARG B 437 -7.23 1.27 -23.19
CA ARG B 437 -8.01 0.09 -22.83
C ARG B 437 -7.62 -1.14 -23.66
N ASP B 438 -7.16 -0.93 -24.89
CA ASP B 438 -6.79 -2.03 -25.77
C ASP B 438 -5.29 -2.33 -25.84
N VAL B 439 -4.46 -1.78 -24.95
CA VAL B 439 -3.03 -2.12 -24.92
C VAL B 439 -2.60 -2.78 -23.61
N LEU B 440 -3.53 -3.34 -22.84
CA LEU B 440 -3.12 -3.95 -21.56
C LEU B 440 -2.36 -5.27 -21.73
N GLY B 441 -2.57 -5.98 -22.85
CA GLY B 441 -1.84 -7.22 -23.09
C GLY B 441 -0.32 -7.10 -23.07
N TYR B 442 0.22 -5.92 -23.39
CA TYR B 442 1.66 -5.74 -23.26
C TYR B 442 2.17 -5.80 -21.82
N SER B 443 1.30 -5.65 -20.81
CA SER B 443 1.73 -5.67 -19.42
C SER B 443 0.99 -6.63 -18.51
N LYS B 444 -0.15 -7.19 -18.91
CA LYS B 444 -0.93 -8.03 -18.02
C LYS B 444 -1.36 -9.30 -18.74
N PRO B 445 -1.28 -10.45 -18.08
CA PRO B 445 -1.64 -11.71 -18.75
C PRO B 445 -3.15 -11.84 -18.85
N PRO B 446 -3.62 -12.70 -19.76
CA PRO B 446 -5.07 -12.84 -19.98
C PRO B 446 -5.88 -13.19 -18.74
N GLY B 447 -5.42 -14.11 -17.90
CA GLY B 447 -6.21 -14.51 -16.73
C GLY B 447 -6.47 -13.36 -15.77
N ALA B 448 -5.48 -12.48 -15.59
CA ALA B 448 -5.70 -11.29 -14.78
C ALA B 448 -6.77 -10.37 -15.38
N LEU B 449 -6.69 -10.11 -16.70
CA LEU B 449 -7.69 -9.27 -17.34
C LEU B 449 -9.08 -9.88 -17.19
N GLN B 450 -9.17 -11.21 -17.23
CA GLN B 450 -10.47 -11.85 -17.08
C GLN B 450 -11.00 -11.66 -15.66
N LEU B 451 -10.14 -11.85 -14.66
CA LEU B 451 -10.58 -11.62 -13.29
C LEU B 451 -11.03 -10.18 -13.06
N MET B 452 -10.37 -9.22 -13.73
CA MET B 452 -10.81 -7.83 -13.65
C MET B 452 -12.21 -7.67 -14.23
N GLN B 453 -12.48 -8.34 -15.33
CA GLN B 453 -13.81 -8.28 -15.91
C GLN B 453 -14.86 -8.89 -14.98
N GLN B 454 -14.50 -9.98 -14.31
CA GLN B 454 -15.42 -10.58 -13.36
C GLN B 454 -15.71 -9.66 -12.19
N LEU B 455 -14.69 -8.93 -11.71
CA LEU B 455 -14.90 -7.95 -10.66
C LEU B 455 -15.87 -6.87 -11.12
N LYS B 456 -15.68 -6.37 -12.35
CA LYS B 456 -16.57 -5.37 -12.92
C LYS B 456 -18.01 -5.89 -12.98
N ALA B 457 -18.19 -7.13 -13.44
CA ALA B 457 -19.51 -7.74 -13.53
C ALA B 457 -20.16 -7.87 -12.16
N LEU B 458 -19.39 -8.23 -11.14
CA LEU B 458 -19.93 -8.31 -9.79
C LEU B 458 -20.39 -6.94 -9.30
N LEU B 459 -19.56 -5.93 -9.47
CA LEU B 459 -19.82 -4.64 -8.86
C LEU B 459 -20.70 -3.73 -9.70
N ASP B 460 -20.67 -3.88 -11.02
CA ASP B 460 -21.48 -3.04 -11.91
C ASP B 460 -22.03 -3.92 -13.05
N PRO B 461 -22.99 -4.80 -12.73
CA PRO B 461 -23.52 -5.67 -13.80
C PRO B 461 -24.18 -4.93 -14.95
N LYS B 462 -24.77 -3.76 -14.72
CA LYS B 462 -25.30 -3.01 -15.84
C LYS B 462 -24.23 -2.21 -16.59
N GLY B 463 -23.04 -2.06 -16.03
CA GLY B 463 -21.98 -1.35 -16.72
C GLY B 463 -22.25 0.14 -16.92
N ILE B 464 -23.03 0.77 -16.04
CA ILE B 464 -23.30 2.19 -16.20
C ILE B 464 -22.14 3.10 -15.79
N LEU B 465 -21.16 2.61 -15.02
CA LEU B 465 -20.06 3.45 -14.55
C LEU B 465 -18.91 3.44 -15.53
N ASN B 466 -18.65 4.59 -16.14
CA ASN B 466 -17.55 4.77 -17.06
C ASN B 466 -17.45 3.65 -18.10
N PRO B 467 -18.47 3.45 -18.93
CA PRO B 467 -18.36 2.50 -20.03
C PRO B 467 -17.23 2.92 -20.96
N TYR B 468 -16.81 1.97 -21.80
CA TYR B 468 -15.77 2.10 -22.81
C TYR B 468 -14.39 2.26 -22.18
N LYS B 469 -14.29 2.06 -20.87
CA LYS B 469 -13.06 2.13 -20.09
C LYS B 469 -13.16 0.98 -19.10
N THR B 470 -12.14 0.74 -18.28
CA THR B 470 -10.73 0.93 -18.55
C THR B 470 -10.21 -0.51 -18.63
N LEU B 471 -11.12 -1.45 -19.01
CA LEU B 471 -10.87 -2.86 -19.28
C LEU B 471 -10.88 -3.09 -20.78
N PRO B 472 -10.33 -4.21 -21.27
CA PRO B 472 -10.34 -4.46 -22.71
C PRO B 472 -11.75 -4.60 -23.26
N SER B 473 -11.91 -4.34 -24.55
CA SER B 473 -13.22 -4.42 -25.20
C SER B 473 -13.81 -5.82 -25.22
PA FAD C . 0.39 -19.65 9.00
O1A FAD C . 0.87 -21.01 8.65
O2A FAD C . 0.16 -19.40 10.49
O5B FAD C . -0.99 -19.22 8.34
C5B FAD C . -1.68 -18.02 8.76
C4B FAD C . -2.97 -17.85 7.99
O4B FAD C . -2.68 -17.55 6.60
C3B FAD C . -3.91 -19.03 7.95
O3B FAD C . -5.24 -18.56 7.77
C2B FAD C . -3.42 -19.80 6.71
O2B FAD C . -4.48 -20.57 6.16
C1B FAD C . -3.03 -18.65 5.78
N9A FAD C . -1.90 -18.92 4.88
C8A FAD C . -0.63 -19.27 5.24
N7A FAD C . 0.19 -19.41 4.22
C5A FAD C . -0.59 -19.10 3.12
C6A FAD C . -0.31 -19.05 1.73
N6A FAD C . 0.89 -19.33 1.20
N1A FAD C . -1.32 -18.70 0.90
C2A FAD C . -2.51 -18.42 1.43
N3A FAD C . -2.90 -18.43 2.71
C4A FAD C . -1.88 -18.79 3.51
N1 FAD C . 1.98 -10.82 13.43
C2 FAD C . 2.07 -9.48 13.14
O2 FAD C . 1.32 -8.94 12.30
N3 FAD C . 3.00 -8.71 13.79
C4 FAD C . 3.89 -9.15 14.74
O4 FAD C . 4.68 -8.36 15.27
C4X FAD C . 3.79 -10.56 15.04
N5 FAD C . 4.61 -11.04 15.92
C5X FAD C . 4.53 -12.38 16.21
C6 FAD C . 5.41 -12.89 17.15
C7 FAD C . 5.40 -14.23 17.50
C7M FAD C . 6.37 -14.74 18.54
C8 FAD C . 4.47 -15.10 16.89
C8M FAD C . 4.43 -16.55 17.24
C9 FAD C . 3.59 -14.59 15.93
C9A FAD C . 3.62 -13.25 15.58
N10 FAD C . 2.73 -12.69 14.63
C10 FAD C . 2.81 -11.32 14.33
C1' FAD C . 1.73 -13.54 13.94
C2' FAD C . 1.71 -13.42 12.42
O2' FAD C . 0.38 -13.26 11.93
C3' FAD C . 2.32 -14.67 11.79
O3' FAD C . 3.44 -15.02 12.60
C4' FAD C . 2.74 -14.35 10.36
O4' FAD C . 1.73 -13.60 9.69
C5' FAD C . 3.22 -15.49 9.50
O5' FAD C . 2.26 -16.57 9.50
P FAD C . 2.70 -18.03 9.12
O1P FAD C . 3.83 -18.18 8.10
O2P FAD C . 3.01 -18.83 10.33
O3P FAD C . 1.40 -18.57 8.43
ZN ZN D . 2.67 -7.23 16.95
C1 AKG E . 4.12 -8.87 18.97
O1 AKG E . 4.98 -9.44 19.70
O2 AKG E . 4.41 -7.69 18.55
C2 AKG E . 2.96 -9.64 18.39
O5 AKG E . 2.38 -9.25 17.38
C3 AKG E . 2.53 -10.92 19.07
C4 AKG E . 1.12 -11.10 19.59
C5 AKG E . 0.68 -10.89 21.04
O3 AKG E . -0.47 -10.48 21.35
O4 AKG E . 1.44 -11.13 21.99
PA FAD F . -10.14 13.23 -13.46
O1A FAD F . -9.32 13.49 -14.66
O2A FAD F . -11.34 14.12 -13.17
O5B FAD F . -10.58 11.74 -13.52
C5B FAD F . -9.60 10.67 -13.52
C4B FAD F . -10.29 9.33 -13.65
O4B FAD F . -10.84 8.96 -12.37
C3B FAD F . -11.45 9.22 -14.64
O3B FAD F . -11.51 7.91 -15.18
C2B FAD F . -12.67 9.51 -13.76
O2B FAD F . -13.82 8.85 -14.29
C1B FAD F . -12.26 8.90 -12.42
N9A FAD F . -12.75 9.58 -11.23
C8A FAD F . -12.66 10.91 -10.94
N7A FAD F . -13.15 11.24 -9.78
C5A FAD F . -13.59 10.04 -9.25
C6A FAD F . -14.19 9.71 -8.02
N6A FAD F . -14.49 10.59 -7.07
N1A FAD F . -14.48 8.40 -7.79
C2A FAD F . -14.19 7.52 -8.74
N3A FAD F . -13.62 7.71 -9.93
C4A FAD F . -13.34 9.00 -10.13
N1 FAD F . -0.52 11.70 -12.70
C2 FAD F . 0.37 11.02 -11.91
O2 FAD F . 0.15 9.87 -11.52
N3 FAD F . 1.55 11.62 -11.56
C4 FAD F . 1.96 12.89 -11.91
O4 FAD F . 3.04 13.32 -11.54
C4X FAD F . 1.00 13.62 -12.73
N5 FAD F . 1.32 14.82 -13.10
C5X FAD F . 0.41 15.52 -13.89
C6 FAD F . 0.74 16.82 -14.29
C7 FAD F . -0.12 17.56 -15.08
C7M FAD F . 0.26 18.95 -15.49
C8 FAD F . -1.35 17.00 -15.48
C8M FAD F . -2.31 17.78 -16.33
C9 FAD F . -1.68 15.71 -15.07
C9A FAD F . -0.82 14.97 -14.28
N10 FAD F . -1.12 13.65 -13.87
C10 FAD F . -0.22 12.93 -13.08
C1' FAD F . -2.38 12.99 -14.28
C2' FAD F . -3.24 12.50 -13.12
O2' FAD F . -4.00 11.35 -13.50
C3' FAD F . -4.22 13.59 -12.72
O3' FAD F . -3.50 14.79 -12.49
C4' FAD F . -5.01 13.14 -11.50
O4' FAD F . -4.52 11.89 -11.01
C5' FAD F . -6.47 12.94 -11.81
O5' FAD F . -7.25 13.77 -10.94
P FAD F . -8.52 14.49 -11.46
O1P FAD F . -9.29 14.94 -10.22
O2P FAD F . -8.16 15.50 -12.48
O3P FAD F . -9.24 13.25 -12.15
ZN ZN G . 4.67 11.75 -13.60
C1 AKG H . 4.52 14.63 -14.75
O1 AKG H . 5.25 14.09 -13.84
O2 AKG H . 4.77 15.82 -15.12
C2 AKG H . 3.37 13.91 -15.40
O5 AKG H . 2.93 12.86 -14.97
C3 AKG H . 2.76 14.53 -16.62
C4 AKG H . 2.52 13.68 -17.84
C5 AKG H . 3.23 13.89 -19.16
O3 AKG H . 3.46 12.91 -19.93
O4 AKG H . 3.59 15.05 -19.51
#